data_1KFT
#
_entry.id   1KFT
#
_entity_poly.entity_id   1
_entity_poly.type   'polypeptide(L)'
_entity_poly.pdbx_seq_one_letter_code
;MGSSHHHHHHSSGLVPRGSHMNTSSLETIEGVGPKRRQMLLKYMGGLQGLRNASVEEIAKVPGISQGLAEKIFWSLKH
;
_entity_poly.pdbx_strand_id   A
#
# COMPACT_ATOMS: atom_id res chain seq x y z
N THR A 23 -4.59 12.22 -8.95
CA THR A 23 -4.88 13.32 -8.05
C THR A 23 -4.92 12.84 -6.60
N SER A 24 -5.26 11.58 -6.44
CA SER A 24 -5.34 10.98 -5.13
C SER A 24 -3.98 10.91 -4.48
N SER A 25 -3.86 11.52 -3.31
CA SER A 25 -2.61 11.55 -2.58
C SER A 25 -2.32 10.18 -1.95
N LEU A 26 -2.62 9.13 -2.71
CA LEU A 26 -2.43 7.77 -2.25
C LEU A 26 -1.00 7.52 -1.78
N GLU A 27 -0.07 8.21 -2.41
CA GLU A 27 1.34 8.07 -2.08
C GLU A 27 1.71 8.92 -0.87
N THR A 28 0.86 9.87 -0.56
CA THR A 28 1.11 10.77 0.54
C THR A 28 -0.17 10.91 1.35
N ILE A 29 -0.87 9.80 1.46
CA ILE A 29 -2.13 9.73 2.19
C ILE A 29 -1.97 10.34 3.58
N GLU A 30 -3.09 10.60 4.24
CA GLU A 30 -3.06 11.17 5.59
C GLU A 30 -2.28 10.28 6.54
N GLY A 31 -1.61 9.30 5.98
CA GLY A 31 -0.80 8.38 6.75
C GLY A 31 0.09 7.56 5.86
N VAL A 32 0.58 8.19 4.82
CA VAL A 32 1.44 7.55 3.88
C VAL A 32 2.32 8.56 3.20
N GLY A 33 3.43 8.08 2.73
CA GLY A 33 4.41 8.91 2.06
C GLY A 33 5.80 8.74 2.61
N PRO A 34 5.92 8.55 3.93
CA PRO A 34 7.21 8.37 4.59
C PRO A 34 7.77 6.97 4.42
N LYS A 35 6.92 5.97 4.56
CA LYS A 35 7.34 4.59 4.43
C LYS A 35 6.17 3.63 4.52
N ARG A 36 5.06 4.11 5.04
CA ARG A 36 3.88 3.28 5.18
C ARG A 36 3.68 2.45 3.92
N ARG A 37 3.85 3.08 2.77
CA ARG A 37 3.72 2.38 1.53
C ARG A 37 4.79 1.31 1.43
N GLN A 38 6.01 1.73 1.73
CA GLN A 38 7.14 0.83 1.72
C GLN A 38 6.84 -0.36 2.59
N MET A 39 6.08 -0.13 3.66
CA MET A 39 5.74 -1.20 4.57
C MET A 39 5.39 -2.42 3.75
N LEU A 40 4.52 -2.23 2.77
CA LEU A 40 4.12 -3.31 1.91
C LEU A 40 5.35 -4.08 1.46
N LEU A 41 6.37 -3.36 1.03
CA LEU A 41 7.59 -3.99 0.59
C LEU A 41 8.37 -4.49 1.78
N LYS A 42 8.19 -3.86 2.90
CA LYS A 42 8.83 -4.34 4.10
C LYS A 42 8.16 -5.64 4.44
N TYR A 43 6.97 -5.79 3.88
CA TYR A 43 6.14 -6.97 4.06
C TYR A 43 6.40 -7.99 2.94
N MET A 44 6.62 -7.48 1.72
CA MET A 44 6.88 -8.34 0.57
C MET A 44 8.33 -8.25 0.11
N GLY A 45 8.86 -7.04 0.14
CA GLY A 45 10.23 -6.84 -0.29
C GLY A 45 10.32 -6.67 -1.77
N GLY A 46 9.30 -6.05 -2.36
CA GLY A 46 9.30 -5.87 -3.79
C GLY A 46 8.02 -5.26 -4.30
N LEU A 47 8.11 -4.00 -4.71
CA LEU A 47 6.95 -3.29 -5.22
C LEU A 47 6.15 -4.18 -6.15
N GLN A 48 6.84 -4.93 -6.98
CA GLN A 48 6.19 -5.83 -7.90
C GLN A 48 5.10 -6.58 -7.18
N GLY A 49 5.47 -7.22 -6.08
CA GLY A 49 4.52 -7.96 -5.30
C GLY A 49 3.37 -7.07 -4.91
N LEU A 50 3.70 -5.84 -4.61
CA LEU A 50 2.70 -4.87 -4.22
C LEU A 50 1.82 -4.55 -5.41
N ARG A 51 2.45 -4.56 -6.57
CA ARG A 51 1.75 -4.30 -7.81
C ARG A 51 0.91 -5.50 -8.15
N ASN A 52 1.32 -6.63 -7.61
CA ASN A 52 0.62 -7.89 -7.80
C ASN A 52 -0.36 -8.06 -6.67
N ALA A 53 -0.12 -7.34 -5.60
CA ALA A 53 -0.97 -7.38 -4.43
C ALA A 53 -2.03 -6.29 -4.50
N SER A 54 -3.27 -6.69 -4.65
CA SER A 54 -4.32 -5.73 -4.70
C SER A 54 -4.75 -5.45 -3.28
N VAL A 55 -5.81 -4.71 -3.10
CA VAL A 55 -6.28 -4.40 -1.77
C VAL A 55 -6.25 -5.66 -0.94
N GLU A 56 -6.62 -6.75 -1.59
CA GLU A 56 -6.66 -8.05 -0.96
C GLU A 56 -5.38 -8.34 -0.19
N GLU A 57 -4.24 -8.08 -0.82
CA GLU A 57 -2.96 -8.32 -0.19
C GLU A 57 -2.51 -7.10 0.58
N ILE A 58 -2.60 -5.95 -0.05
CA ILE A 58 -2.20 -4.71 0.55
C ILE A 58 -2.90 -4.52 1.87
N ALA A 59 -4.08 -5.09 1.97
CA ALA A 59 -4.89 -4.99 3.18
C ALA A 59 -4.33 -5.90 4.27
N LYS A 60 -3.02 -6.10 4.29
CA LYS A 60 -2.40 -6.96 5.29
C LYS A 60 -1.31 -6.21 6.02
N VAL A 61 -1.34 -4.89 5.92
CA VAL A 61 -0.33 -4.06 6.55
C VAL A 61 -0.97 -3.15 7.61
N PRO A 62 -0.14 -2.41 8.35
CA PRO A 62 -0.58 -1.50 9.43
C PRO A 62 -1.68 -0.56 8.98
N GLY A 63 -2.88 -0.78 9.49
CA GLY A 63 -4.00 0.06 9.13
C GLY A 63 -4.43 -0.20 7.71
N ILE A 64 -3.45 -0.44 6.85
CA ILE A 64 -3.71 -0.72 5.46
C ILE A 64 -4.61 -1.93 5.33
N SER A 65 -5.90 -1.70 5.44
CA SER A 65 -6.89 -2.77 5.34
C SER A 65 -7.82 -2.53 4.18
N GLN A 66 -8.40 -1.34 4.14
CA GLN A 66 -9.32 -1.00 3.08
C GLN A 66 -9.02 0.41 2.57
N GLY A 67 -8.95 1.35 3.48
CA GLY A 67 -8.66 2.71 3.08
C GLY A 67 -7.31 2.81 2.42
N LEU A 68 -6.28 2.50 3.18
CA LEU A 68 -4.92 2.51 2.67
C LEU A 68 -4.79 1.46 1.60
N ALA A 69 -5.29 0.28 1.90
CA ALA A 69 -5.25 -0.82 0.96
C ALA A 69 -5.66 -0.32 -0.41
N GLU A 70 -6.86 0.23 -0.50
CA GLU A 70 -7.34 0.77 -1.75
C GLU A 70 -6.35 1.81 -2.25
N LYS A 71 -6.02 2.74 -1.36
CA LYS A 71 -5.10 3.81 -1.66
C LYS A 71 -3.88 3.26 -2.37
N ILE A 72 -3.37 2.14 -1.88
CA ILE A 72 -2.20 1.51 -2.47
C ILE A 72 -2.58 0.77 -3.74
N PHE A 73 -3.71 0.12 -3.68
CA PHE A 73 -4.20 -0.63 -4.82
C PHE A 73 -4.20 0.25 -6.06
N TRP A 74 -4.89 1.37 -5.98
CA TRP A 74 -4.98 2.30 -7.09
C TRP A 74 -3.59 2.81 -7.47
N SER A 75 -2.63 2.58 -6.60
CA SER A 75 -1.27 3.03 -6.84
C SER A 75 -0.57 2.15 -7.87
N LEU A 76 -0.51 0.85 -7.62
CA LEU A 76 0.16 -0.05 -8.55
C LEU A 76 -0.81 -0.93 -9.31
N LYS A 77 -1.81 -1.43 -8.62
CA LYS A 77 -2.77 -2.31 -9.25
C LYS A 77 -3.33 -1.71 -10.52
N HIS A 78 -4.14 -0.66 -10.39
CA HIS A 78 -4.71 -0.01 -11.56
C HIS A 78 -5.27 1.36 -11.20
N THR A 23 -0.12 12.12 -14.78
CA THR A 23 0.53 12.73 -13.65
C THR A 23 0.40 11.87 -12.40
N SER A 24 0.06 10.60 -12.60
CA SER A 24 -0.11 9.66 -11.49
C SER A 24 0.98 9.85 -10.43
N SER A 25 0.72 9.34 -9.24
CA SER A 25 1.66 9.46 -8.14
C SER A 25 1.78 8.13 -7.41
N LEU A 26 1.84 7.05 -8.16
CA LEU A 26 1.94 5.72 -7.57
C LEU A 26 2.89 5.70 -6.38
N GLU A 27 3.84 6.61 -6.40
CA GLU A 27 4.84 6.67 -5.35
C GLU A 27 4.39 7.63 -4.25
N THR A 28 3.58 8.59 -4.64
CA THR A 28 3.08 9.59 -3.71
C THR A 28 1.60 9.91 -3.89
N ILE A 29 0.79 8.90 -4.18
CA ILE A 29 -0.64 9.08 -4.40
C ILE A 29 -1.37 9.65 -3.18
N GLU A 30 -1.70 10.91 -3.28
CA GLU A 30 -2.45 11.64 -2.26
C GLU A 30 -2.35 11.04 -0.86
N GLY A 31 -1.21 10.49 -0.50
CA GLY A 31 -1.06 9.91 0.81
C GLY A 31 0.10 8.99 0.86
N VAL A 32 0.25 8.22 -0.19
CA VAL A 32 1.36 7.32 -0.26
C VAL A 32 2.62 8.15 -0.47
N GLY A 33 3.73 7.61 -0.04
CA GLY A 33 5.00 8.31 -0.17
C GLY A 33 5.76 8.29 1.14
N PRO A 34 5.08 8.61 2.25
CA PRO A 34 5.69 8.64 3.57
C PRO A 34 6.38 7.32 3.89
N LYS A 35 5.58 6.30 4.13
CA LYS A 35 6.11 4.98 4.43
C LYS A 35 5.14 3.89 3.96
N ARG A 36 3.94 4.30 3.61
CA ARG A 36 2.91 3.40 3.18
C ARG A 36 3.43 2.37 2.20
N ARG A 37 3.94 2.81 1.07
CA ARG A 37 4.46 1.90 0.07
C ARG A 37 5.56 1.06 0.66
N GLN A 38 6.46 1.72 1.37
CA GLN A 38 7.57 1.05 2.01
C GLN A 38 7.06 -0.12 2.82
N MET A 39 5.99 0.12 3.59
CA MET A 39 5.41 -0.92 4.41
C MET A 39 5.25 -2.18 3.59
N LEU A 40 4.48 -2.08 2.52
CA LEU A 40 4.27 -3.21 1.66
C LEU A 40 5.60 -3.85 1.31
N LEU A 41 6.52 -3.02 0.86
CA LEU A 41 7.84 -3.48 0.47
C LEU A 41 8.53 -4.20 1.62
N LYS A 42 8.30 -3.71 2.83
CA LYS A 42 8.90 -4.34 3.99
C LYS A 42 8.09 -5.55 4.39
N TYR A 43 6.86 -5.57 3.95
CA TYR A 43 5.98 -6.68 4.24
C TYR A 43 6.16 -7.80 3.23
N MET A 44 6.51 -7.44 2.01
CA MET A 44 6.71 -8.42 0.94
C MET A 44 8.14 -8.42 0.42
N GLY A 45 8.74 -7.23 0.35
CA GLY A 45 10.09 -7.13 -0.15
C GLY A 45 10.14 -7.20 -1.66
N GLY A 46 9.22 -6.49 -2.29
CA GLY A 46 9.15 -6.50 -3.74
C GLY A 46 8.02 -5.64 -4.26
N LEU A 47 8.32 -4.39 -4.58
CA LEU A 47 7.32 -3.46 -5.09
C LEU A 47 6.47 -4.15 -6.13
N GLN A 48 7.12 -4.72 -7.13
CA GLN A 48 6.40 -5.42 -8.17
C GLN A 48 5.32 -6.28 -7.56
N GLY A 49 5.74 -7.18 -6.68
CA GLY A 49 4.79 -8.05 -6.02
C GLY A 49 3.70 -7.24 -5.37
N LEU A 50 4.07 -6.06 -4.88
CA LEU A 50 3.12 -5.18 -4.25
C LEU A 50 2.12 -4.73 -5.30
N ARG A 51 2.66 -4.37 -6.45
CA ARG A 51 1.84 -3.93 -7.56
C ARG A 51 0.88 -5.04 -7.91
N ASN A 52 1.41 -6.25 -7.88
CA ASN A 52 0.60 -7.42 -8.18
C ASN A 52 -0.46 -7.56 -7.11
N ALA A 53 -0.04 -7.26 -5.89
CA ALA A 53 -0.93 -7.35 -4.75
C ALA A 53 -2.11 -6.41 -4.94
N SER A 54 -3.27 -6.84 -4.51
CA SER A 54 -4.44 -6.02 -4.59
C SER A 54 -4.89 -5.72 -3.18
N VAL A 55 -5.96 -4.98 -3.04
CA VAL A 55 -6.45 -4.66 -1.71
C VAL A 55 -6.37 -5.90 -0.86
N GLU A 56 -6.71 -7.00 -1.49
CA GLU A 56 -6.69 -8.31 -0.87
C GLU A 56 -5.42 -8.50 -0.05
N GLU A 57 -4.27 -8.24 -0.66
CA GLU A 57 -3.00 -8.40 0.00
C GLU A 57 -2.61 -7.14 0.75
N ILE A 58 -2.75 -6.02 0.08
CA ILE A 58 -2.41 -4.75 0.67
C ILE A 58 -3.17 -4.56 1.98
N ALA A 59 -4.32 -5.17 2.05
CA ALA A 59 -5.16 -5.09 3.22
C ALA A 59 -4.62 -5.97 4.34
N LYS A 60 -3.30 -6.09 4.41
CA LYS A 60 -2.66 -6.89 5.44
C LYS A 60 -1.48 -6.13 6.01
N VAL A 61 -1.65 -4.83 6.14
CA VAL A 61 -0.59 -3.98 6.66
C VAL A 61 -1.14 -3.01 7.73
N PRO A 62 -0.27 -2.19 8.34
CA PRO A 62 -0.65 -1.28 9.41
C PRO A 62 -1.87 -0.44 9.06
N GLY A 63 -3.00 -0.75 9.67
CA GLY A 63 -4.22 -0.03 9.39
C GLY A 63 -4.68 -0.26 7.98
N ILE A 64 -3.77 -0.70 7.14
CA ILE A 64 -4.07 -0.97 5.76
C ILE A 64 -5.02 -2.14 5.64
N SER A 65 -6.29 -1.85 5.76
CA SER A 65 -7.33 -2.84 5.66
C SER A 65 -8.11 -2.64 4.38
N GLN A 66 -8.71 -1.47 4.27
CA GLN A 66 -9.48 -1.12 3.09
C GLN A 66 -9.12 0.28 2.65
N GLY A 67 -9.25 1.21 3.56
CA GLY A 67 -8.94 2.58 3.24
C GLY A 67 -7.54 2.71 2.66
N LEU A 68 -6.55 2.33 3.46
CA LEU A 68 -5.17 2.39 3.03
C LEU A 68 -4.95 1.37 1.93
N ALA A 69 -5.51 0.20 2.12
CA ALA A 69 -5.37 -0.86 1.15
C ALA A 69 -5.56 -0.31 -0.24
N GLU A 70 -6.73 0.24 -0.50
CA GLU A 70 -7.00 0.82 -1.81
C GLU A 70 -5.99 1.92 -2.07
N LYS A 71 -5.76 2.75 -1.06
CA LYS A 71 -4.84 3.84 -1.15
C LYS A 71 -3.52 3.34 -1.70
N ILE A 72 -3.20 2.10 -1.36
CA ILE A 72 -2.00 1.47 -1.86
C ILE A 72 -2.26 0.87 -3.22
N PHE A 73 -3.43 0.27 -3.34
CA PHE A 73 -3.83 -0.36 -4.58
C PHE A 73 -3.55 0.55 -5.76
N TRP A 74 -4.20 1.70 -5.77
CA TRP A 74 -4.02 2.66 -6.85
C TRP A 74 -2.60 3.19 -6.84
N SER A 75 -1.92 2.97 -5.72
CA SER A 75 -0.56 3.44 -5.54
C SER A 75 0.44 2.65 -6.36
N LEU A 76 -0.02 1.58 -7.00
CA LEU A 76 0.89 0.77 -7.78
C LEU A 76 0.25 0.18 -9.03
N LYS A 77 -0.74 -0.66 -8.80
CA LYS A 77 -1.39 -1.40 -9.87
C LYS A 77 -2.68 -0.75 -10.33
N HIS A 78 -2.56 0.47 -10.80
CA HIS A 78 -3.69 1.20 -11.33
C HIS A 78 -3.26 2.59 -11.71
N THR A 23 2.68 12.93 -13.38
CA THR A 23 1.45 12.57 -14.06
C THR A 23 0.56 11.73 -13.14
N SER A 24 1.09 11.39 -11.98
CA SER A 24 0.34 10.60 -11.01
C SER A 24 0.77 10.93 -9.59
N SER A 25 -0.16 10.76 -8.66
CA SER A 25 0.12 11.00 -7.26
C SER A 25 0.23 9.67 -6.53
N LEU A 26 0.14 8.60 -7.29
CA LEU A 26 0.22 7.26 -6.72
C LEU A 26 1.56 7.08 -6.04
N GLU A 27 2.45 7.99 -6.32
CA GLU A 27 3.78 7.99 -5.73
C GLU A 27 3.84 8.97 -4.58
N THR A 28 2.88 9.88 -4.57
CA THR A 28 2.80 10.91 -3.55
C THR A 28 1.47 10.83 -2.83
N ILE A 29 0.86 9.66 -2.91
CA ILE A 29 -0.42 9.45 -2.27
C ILE A 29 -0.39 9.90 -0.82
N GLU A 30 -1.55 10.30 -0.34
CA GLU A 30 -1.72 10.76 1.02
C GLU A 30 -1.19 9.75 2.03
N GLY A 31 0.12 9.67 2.18
CA GLY A 31 0.69 8.76 3.15
C GLY A 31 1.76 7.86 2.59
N VAL A 32 2.05 7.97 1.31
CA VAL A 32 3.08 7.14 0.71
C VAL A 32 4.38 7.88 0.56
N GLY A 33 5.42 7.26 1.07
CA GLY A 33 6.74 7.84 1.05
C GLY A 33 7.35 7.80 2.42
N PRO A 34 6.58 8.18 3.45
CA PRO A 34 7.05 8.16 4.82
C PRO A 34 7.52 6.77 5.22
N LYS A 35 6.57 5.89 5.47
CA LYS A 35 6.89 4.52 5.83
C LYS A 35 5.93 3.54 5.16
N ARG A 36 4.73 4.02 4.84
CA ARG A 36 3.72 3.20 4.24
C ARG A 36 4.30 2.44 3.06
N ARG A 37 4.92 3.17 2.16
CA ARG A 37 5.51 2.56 0.98
C ARG A 37 6.46 1.47 1.43
N GLN A 38 7.20 1.78 2.48
CA GLN A 38 8.14 0.86 3.05
C GLN A 38 7.45 -0.30 3.69
N MET A 39 6.28 -0.05 4.24
CA MET A 39 5.53 -1.12 4.87
C MET A 39 5.30 -2.21 3.86
N LEU A 40 4.65 -1.86 2.77
CA LEU A 40 4.38 -2.84 1.73
C LEU A 40 5.67 -3.49 1.26
N LEU A 41 6.59 -2.66 0.79
CA LEU A 41 7.86 -3.17 0.31
C LEU A 41 8.57 -4.00 1.37
N LYS A 42 8.48 -3.57 2.61
CA LYS A 42 9.10 -4.29 3.70
C LYS A 42 8.25 -5.49 4.10
N TYR A 43 6.99 -5.45 3.73
CA TYR A 43 6.07 -6.53 4.05
C TYR A 43 6.08 -7.58 2.94
N MET A 44 6.43 -7.16 1.74
CA MET A 44 6.46 -8.06 0.59
C MET A 44 7.89 -8.29 0.12
N GLY A 45 8.69 -7.24 0.17
CA GLY A 45 10.06 -7.34 -0.28
C GLY A 45 10.19 -7.07 -1.75
N GLY A 46 9.46 -6.06 -2.22
CA GLY A 46 9.49 -5.72 -3.61
C GLY A 46 8.16 -5.19 -4.06
N LEU A 47 8.14 -3.95 -4.52
CA LEU A 47 6.90 -3.35 -4.98
C LEU A 47 6.13 -4.34 -5.82
N GLN A 48 6.86 -5.14 -6.57
CA GLN A 48 6.25 -6.14 -7.41
C GLN A 48 5.12 -6.83 -6.66
N GLY A 49 5.44 -7.22 -5.43
CA GLY A 49 4.47 -7.91 -4.61
C GLY A 49 3.23 -7.07 -4.46
N LEU A 50 3.44 -5.77 -4.41
CA LEU A 50 2.36 -4.82 -4.28
C LEU A 50 1.67 -4.65 -5.61
N ARG A 51 2.45 -4.39 -6.64
CA ARG A 51 1.92 -4.22 -7.99
C ARG A 51 1.04 -5.42 -8.32
N ASN A 52 1.37 -6.55 -7.74
CA ASN A 52 0.61 -7.76 -7.97
C ASN A 52 -0.46 -7.89 -6.92
N ALA A 53 -0.26 -7.21 -5.82
CA ALA A 53 -1.18 -7.24 -4.71
C ALA A 53 -2.31 -6.26 -4.91
N SER A 54 -3.51 -6.69 -4.60
CA SER A 54 -4.66 -5.84 -4.69
C SER A 54 -5.08 -5.50 -3.28
N VAL A 55 -6.08 -4.67 -3.13
CA VAL A 55 -6.54 -4.27 -1.82
C VAL A 55 -6.58 -5.49 -0.91
N GLU A 56 -7.01 -6.60 -1.48
CA GLU A 56 -7.13 -7.84 -0.74
C GLU A 56 -5.91 -8.08 0.14
N GLU A 57 -4.74 -8.11 -0.46
CA GLU A 57 -3.51 -8.32 0.29
C GLU A 57 -2.99 -7.02 0.83
N ILE A 58 -2.97 -6.02 -0.01
CA ILE A 58 -2.53 -4.72 0.39
C ILE A 58 -3.21 -4.35 1.69
N ALA A 59 -4.37 -4.94 1.90
CA ALA A 59 -5.16 -4.69 3.08
C ALA A 59 -4.73 -5.58 4.25
N LYS A 60 -3.53 -6.12 4.19
CA LYS A 60 -3.03 -6.96 5.27
C LYS A 60 -1.75 -6.35 5.82
N VAL A 61 -1.71 -5.03 5.78
CA VAL A 61 -0.55 -4.30 6.23
C VAL A 61 -0.94 -3.21 7.23
N PRO A 62 0.06 -2.56 7.84
CA PRO A 62 -0.12 -1.51 8.85
C PRO A 62 -1.23 -0.54 8.51
N GLY A 63 -2.34 -0.65 9.22
CA GLY A 63 -3.47 0.22 8.95
C GLY A 63 -4.16 -0.16 7.68
N ILE A 64 -3.37 -0.60 6.71
CA ILE A 64 -3.88 -1.01 5.43
C ILE A 64 -4.76 -2.23 5.62
N SER A 65 -6.00 -1.97 5.98
CA SER A 65 -6.97 -3.02 6.22
C SER A 65 -7.92 -3.15 5.04
N GLN A 66 -7.98 -2.11 4.25
CA GLN A 66 -8.81 -2.10 3.07
C GLN A 66 -8.74 -0.74 2.44
N GLY A 67 -9.06 0.29 3.22
CA GLY A 67 -9.03 1.63 2.70
C GLY A 67 -7.66 1.99 2.17
N LEU A 68 -6.69 2.02 3.07
CA LEU A 68 -5.32 2.29 2.70
C LEU A 68 -4.99 1.38 1.55
N ALA A 69 -5.41 0.14 1.71
CA ALA A 69 -5.19 -0.86 0.70
C ALA A 69 -5.68 -0.35 -0.65
N GLU A 70 -6.83 0.31 -0.64
CA GLU A 70 -7.35 0.88 -1.86
C GLU A 70 -6.38 1.93 -2.32
N LYS A 71 -6.06 2.81 -1.39
CA LYS A 71 -5.13 3.89 -1.61
C LYS A 71 -3.89 3.37 -2.32
N ILE A 72 -3.40 2.25 -1.82
CA ILE A 72 -2.23 1.59 -2.38
C ILE A 72 -2.59 0.87 -3.65
N PHE A 73 -3.76 0.28 -3.65
CA PHE A 73 -4.23 -0.46 -4.80
C PHE A 73 -4.08 0.40 -6.05
N TRP A 74 -4.67 1.59 -5.99
CA TRP A 74 -4.61 2.52 -7.11
C TRP A 74 -3.16 2.86 -7.44
N SER A 75 -2.28 2.62 -6.49
CA SER A 75 -0.88 2.94 -6.66
C SER A 75 -0.25 2.17 -7.83
N LEU A 76 -0.61 0.91 -7.98
CA LEU A 76 -0.05 0.10 -9.05
C LEU A 76 -1.09 -0.71 -9.79
N LYS A 77 -2.09 -1.21 -9.09
CA LYS A 77 -3.12 -2.03 -9.70
C LYS A 77 -3.95 -1.26 -10.71
N HIS A 78 -5.11 -0.82 -10.28
CA HIS A 78 -6.01 -0.08 -11.15
C HIS A 78 -7.36 0.12 -10.48
N THR A 23 -0.09 4.62 -10.98
CA THR A 23 1.04 5.44 -11.41
C THR A 23 1.20 6.65 -10.50
N SER A 24 0.26 6.80 -9.58
CA SER A 24 0.28 7.91 -8.64
C SER A 24 0.14 7.38 -7.23
N SER A 25 0.01 8.26 -6.25
CA SER A 25 -0.14 7.84 -4.87
C SER A 25 -0.91 8.85 -4.03
N LEU A 26 -1.49 9.84 -4.68
CA LEU A 26 -2.24 10.85 -3.97
C LEU A 26 -3.17 10.16 -2.98
N GLU A 27 -3.97 9.25 -3.48
CA GLU A 27 -4.90 8.51 -2.65
C GLU A 27 -4.14 7.71 -1.60
N THR A 28 -2.93 7.31 -1.93
CA THR A 28 -2.11 6.54 -1.00
C THR A 28 -1.60 7.45 0.10
N ILE A 29 -1.47 8.70 -0.24
CA ILE A 29 -0.98 9.69 0.69
C ILE A 29 -1.88 9.77 1.91
N GLU A 30 -1.63 8.85 2.80
CA GLU A 30 -2.33 8.74 4.06
C GLU A 30 -1.31 8.24 5.06
N GLY A 31 -0.52 9.16 5.59
CA GLY A 31 0.55 8.78 6.48
C GLY A 31 1.65 8.23 5.62
N VAL A 32 1.69 8.76 4.41
CA VAL A 32 2.63 8.35 3.40
C VAL A 32 3.87 9.19 3.40
N GLY A 33 4.94 8.54 3.01
CA GLY A 33 6.22 9.19 2.94
C GLY A 33 7.22 8.63 3.95
N PRO A 34 6.76 8.27 5.15
CA PRO A 34 7.63 7.74 6.18
C PRO A 34 8.15 6.35 5.83
N LYS A 35 7.30 5.36 6.03
CA LYS A 35 7.62 3.97 5.73
C LYS A 35 6.35 3.27 5.32
N ARG A 36 5.26 4.00 5.45
CA ARG A 36 3.95 3.55 5.15
C ARG A 36 3.90 2.77 3.86
N ARG A 37 4.46 3.32 2.81
CA ARG A 37 4.48 2.64 1.52
C ARG A 37 5.53 1.54 1.58
N GLN A 38 6.67 1.87 2.14
CA GLN A 38 7.75 0.92 2.26
C GLN A 38 7.23 -0.34 2.92
N MET A 39 6.30 -0.18 3.84
CA MET A 39 5.75 -1.31 4.56
C MET A 39 5.48 -2.44 3.60
N LEU A 40 4.64 -2.16 2.61
CA LEU A 40 4.30 -3.16 1.62
C LEU A 40 5.58 -3.82 1.12
N LEU A 41 6.54 -2.99 0.74
CA LEU A 41 7.81 -3.47 0.23
C LEU A 41 8.53 -4.31 1.26
N LYS A 42 8.43 -3.91 2.51
CA LYS A 42 9.07 -4.62 3.60
C LYS A 42 8.23 -5.85 3.97
N TYR A 43 6.97 -5.80 3.57
CA TYR A 43 6.05 -6.88 3.85
C TYR A 43 6.11 -7.93 2.75
N MET A 44 6.48 -7.51 1.55
CA MET A 44 6.58 -8.41 0.41
C MET A 44 8.03 -8.61 -0.02
N GLY A 45 8.78 -7.53 0.01
CA GLY A 45 10.17 -7.59 -0.39
C GLY A 45 10.35 -7.27 -1.86
N GLY A 46 9.55 -6.32 -2.34
CA GLY A 46 9.63 -5.92 -3.72
C GLY A 46 8.31 -5.40 -4.22
N LEU A 47 8.28 -4.15 -4.62
CA LEU A 47 7.06 -3.52 -5.09
C LEU A 47 6.28 -4.47 -5.98
N GLN A 48 7.00 -5.24 -6.76
CA GLN A 48 6.37 -6.20 -7.64
C GLN A 48 5.24 -6.88 -6.92
N GLY A 49 5.54 -7.32 -5.72
CA GLY A 49 4.57 -8.01 -4.90
C GLY A 49 3.38 -7.12 -4.64
N LEU A 50 3.66 -5.85 -4.50
CA LEU A 50 2.64 -4.86 -4.23
C LEU A 50 1.84 -4.57 -5.49
N ARG A 51 2.55 -4.45 -6.60
CA ARG A 51 1.93 -4.15 -7.87
C ARG A 51 0.79 -5.11 -8.14
N ASN A 52 1.13 -6.37 -8.09
CA ASN A 52 0.16 -7.42 -8.33
C ASN A 52 -0.64 -7.70 -7.09
N ALA A 53 -0.36 -6.96 -6.03
CA ALA A 53 -1.09 -7.11 -4.79
C ALA A 53 -2.31 -6.22 -4.81
N SER A 54 -3.46 -6.78 -4.53
CA SER A 54 -4.66 -6.02 -4.55
C SER A 54 -4.97 -5.58 -3.13
N VAL A 55 -6.05 -4.84 -2.97
CA VAL A 55 -6.43 -4.36 -1.67
C VAL A 55 -6.27 -5.46 -0.64
N GLU A 56 -6.61 -6.66 -1.05
CA GLU A 56 -6.54 -7.82 -0.19
C GLU A 56 -5.14 -7.97 0.40
N GLU A 57 -4.15 -8.02 -0.47
CA GLU A 57 -2.78 -8.18 -0.05
C GLU A 57 -2.30 -6.91 0.61
N ILE A 58 -2.54 -5.82 -0.07
CA ILE A 58 -2.16 -4.53 0.44
C ILE A 58 -2.82 -4.34 1.78
N ALA A 59 -3.95 -5.00 1.94
CA ALA A 59 -4.69 -4.93 3.20
C ALA A 59 -4.05 -5.83 4.25
N LYS A 60 -2.74 -5.96 4.20
CA LYS A 60 -2.02 -6.79 5.16
C LYS A 60 -0.96 -5.96 5.84
N VAL A 61 -1.26 -4.70 5.99
CA VAL A 61 -0.36 -3.76 6.62
C VAL A 61 -1.09 -3.03 7.75
N PRO A 62 -0.42 -2.09 8.43
CA PRO A 62 -1.00 -1.33 9.54
C PRO A 62 -2.11 -0.41 9.05
N GLY A 63 -3.31 -0.62 9.56
CA GLY A 63 -4.43 0.19 9.15
C GLY A 63 -4.85 -0.16 7.74
N ILE A 64 -3.86 -0.39 6.89
CA ILE A 64 -4.12 -0.77 5.53
C ILE A 64 -4.93 -2.06 5.53
N SER A 65 -6.22 -1.91 5.70
CA SER A 65 -7.14 -3.04 5.76
C SER A 65 -8.10 -3.00 4.59
N GLN A 66 -8.36 -1.81 4.08
CA GLN A 66 -9.25 -1.62 2.97
C GLN A 66 -9.09 -0.22 2.40
N GLY A 67 -9.27 0.77 3.25
CA GLY A 67 -9.13 2.14 2.80
C GLY A 67 -7.74 2.39 2.25
N LEU A 68 -6.75 2.25 3.11
CA LEU A 68 -5.37 2.43 2.71
C LEU A 68 -5.10 1.45 1.61
N ALA A 69 -5.58 0.24 1.81
CA ALA A 69 -5.42 -0.82 0.83
C ALA A 69 -5.79 -0.31 -0.55
N GLU A 70 -6.94 0.34 -0.65
CA GLU A 70 -7.37 0.89 -1.92
C GLU A 70 -6.41 2.00 -2.30
N LYS A 71 -6.15 2.86 -1.33
CA LYS A 71 -5.26 3.97 -1.51
C LYS A 71 -3.98 3.51 -2.18
N ILE A 72 -3.52 2.34 -1.78
CA ILE A 72 -2.31 1.74 -2.34
C ILE A 72 -2.62 0.99 -3.62
N PHE A 73 -3.68 0.21 -3.58
CA PHE A 73 -4.06 -0.64 -4.69
C PHE A 73 -3.92 0.07 -6.04
N TRP A 74 -4.63 1.17 -6.20
CA TRP A 74 -4.60 1.90 -7.46
C TRP A 74 -3.34 2.75 -7.59
N SER A 75 -2.59 2.90 -6.52
CA SER A 75 -1.42 3.76 -6.54
C SER A 75 -0.10 3.05 -6.85
N LEU A 76 -0.15 1.96 -7.62
CA LEU A 76 1.09 1.29 -8.00
C LEU A 76 1.17 1.13 -9.50
N LYS A 77 0.55 0.07 -9.97
CA LYS A 77 0.54 -0.26 -11.39
C LYS A 77 -0.87 -0.35 -11.94
N HIS A 78 -1.54 -1.46 -11.65
CA HIS A 78 -2.90 -1.68 -12.11
C HIS A 78 -3.76 -0.44 -11.89
N THR A 23 -8.60 14.68 -7.55
CA THR A 23 -7.53 14.77 -6.58
C THR A 23 -7.26 13.40 -5.94
N SER A 24 -5.99 13.14 -5.66
CA SER A 24 -5.60 11.88 -5.06
C SER A 24 -4.65 12.11 -3.90
N SER A 25 -4.37 11.07 -3.13
CA SER A 25 -3.46 11.17 -2.00
C SER A 25 -2.83 9.81 -1.69
N LEU A 26 -2.81 8.94 -2.68
CA LEU A 26 -2.24 7.60 -2.52
C LEU A 26 -0.87 7.67 -1.85
N GLU A 27 -0.19 8.78 -2.07
CA GLU A 27 1.12 9.01 -1.50
C GLU A 27 1.02 9.95 -0.30
N THR A 28 -0.10 10.64 -0.20
CA THR A 28 -0.33 11.58 0.88
C THR A 28 -1.41 11.06 1.82
N ILE A 29 -1.71 9.79 1.66
CA ILE A 29 -2.74 9.14 2.46
C ILE A 29 -2.51 9.43 3.95
N GLU A 30 -3.58 9.32 4.72
CA GLU A 30 -3.52 9.55 6.15
C GLU A 30 -2.37 8.77 6.78
N GLY A 31 -1.19 9.33 6.70
CA GLY A 31 -0.03 8.67 7.24
C GLY A 31 0.68 7.90 6.17
N VAL A 32 0.87 8.54 5.05
CA VAL A 32 1.55 7.95 3.95
C VAL A 32 2.36 8.99 3.22
N GLY A 33 3.40 8.53 2.57
CA GLY A 33 4.28 9.41 1.85
C GLY A 33 5.70 9.30 2.35
N PRO A 34 5.88 9.10 3.66
CA PRO A 34 7.21 8.98 4.26
C PRO A 34 7.79 7.58 4.14
N LYS A 35 6.98 6.57 4.46
CA LYS A 35 7.44 5.20 4.41
C LYS A 35 6.28 4.23 4.62
N ARG A 36 5.21 4.73 5.20
CA ARG A 36 4.05 3.93 5.48
C ARG A 36 3.70 3.04 4.30
N ARG A 37 3.97 3.55 3.11
CA ARG A 37 3.71 2.80 1.90
C ARG A 37 4.77 1.72 1.77
N GLN A 38 6.00 2.11 2.02
CA GLN A 38 7.12 1.21 1.94
C GLN A 38 6.86 -0.01 2.79
N MET A 39 6.17 0.18 3.91
CA MET A 39 5.88 -0.94 4.77
C MET A 39 5.49 -2.12 3.90
N LEU A 40 4.77 -1.81 2.83
CA LEU A 40 4.36 -2.81 1.87
C LEU A 40 5.55 -3.60 1.39
N LEU A 41 6.51 -2.88 0.83
CA LEU A 41 7.72 -3.49 0.33
C LEU A 41 8.42 -4.21 1.45
N LYS A 42 8.33 -3.65 2.64
CA LYS A 42 8.92 -4.26 3.82
C LYS A 42 8.05 -5.41 4.30
N TYR A 43 6.80 -5.39 3.87
CA TYR A 43 5.84 -6.41 4.23
C TYR A 43 5.83 -7.54 3.21
N MET A 44 6.23 -7.22 2.00
CA MET A 44 6.24 -8.20 0.92
C MET A 44 7.66 -8.45 0.42
N GLY A 45 8.44 -7.40 0.33
CA GLY A 45 9.79 -7.52 -0.13
C GLY A 45 9.83 -7.65 -1.64
N GLY A 46 9.08 -6.79 -2.31
CA GLY A 46 9.04 -6.82 -3.75
C GLY A 46 7.93 -5.93 -4.29
N LEU A 47 8.30 -4.73 -4.72
CA LEU A 47 7.32 -3.79 -5.24
C LEU A 47 6.34 -4.51 -6.15
N GLN A 48 6.87 -5.37 -7.00
CA GLN A 48 6.03 -6.12 -7.91
C GLN A 48 4.94 -6.82 -7.11
N GLY A 49 5.34 -7.48 -6.04
CA GLY A 49 4.40 -8.17 -5.19
C GLY A 49 3.32 -7.22 -4.73
N LEU A 50 3.67 -5.96 -4.66
CA LEU A 50 2.75 -4.91 -4.25
C LEU A 50 1.85 -4.54 -5.41
N ARG A 51 2.46 -4.23 -6.53
CA ARG A 51 1.73 -3.86 -7.73
C ARG A 51 0.79 -4.97 -8.13
N ASN A 52 1.18 -6.17 -7.78
CA ASN A 52 0.39 -7.36 -8.08
C ASN A 52 -0.54 -7.67 -6.92
N ALA A 53 -0.33 -6.96 -5.83
CA ALA A 53 -1.12 -7.11 -4.64
C ALA A 53 -2.24 -6.10 -4.62
N SER A 54 -3.47 -6.56 -4.70
CA SER A 54 -4.59 -5.66 -4.67
C SER A 54 -4.98 -5.51 -3.22
N VAL A 55 -6.10 -4.88 -2.97
CA VAL A 55 -6.55 -4.68 -1.62
C VAL A 55 -6.40 -5.96 -0.83
N GLU A 56 -6.67 -7.06 -1.49
CA GLU A 56 -6.58 -8.37 -0.87
C GLU A 56 -5.22 -8.59 -0.21
N GLU A 57 -4.16 -8.31 -0.94
CA GLU A 57 -2.82 -8.50 -0.42
C GLU A 57 -2.36 -7.27 0.35
N ILE A 58 -2.55 -6.13 -0.27
CA ILE A 58 -2.15 -4.88 0.33
C ILE A 58 -2.75 -4.74 1.72
N ALA A 59 -3.91 -5.33 1.90
CA ALA A 59 -4.59 -5.28 3.17
C ALA A 59 -3.92 -6.20 4.19
N LYS A 60 -2.61 -6.37 4.08
CA LYS A 60 -1.87 -7.22 4.98
C LYS A 60 -0.88 -6.40 5.77
N VAL A 61 -1.10 -5.10 5.77
CA VAL A 61 -0.20 -4.18 6.44
C VAL A 61 -0.95 -3.50 7.58
N PRO A 62 -0.30 -2.56 8.27
CA PRO A 62 -0.91 -1.78 9.37
C PRO A 62 -2.30 -1.26 8.98
N GLY A 63 -2.69 -0.08 9.45
CA GLY A 63 -3.98 0.46 9.07
C GLY A 63 -4.35 0.07 7.65
N ILE A 64 -3.33 -0.22 6.86
CA ILE A 64 -3.51 -0.66 5.49
C ILE A 64 -4.37 -1.90 5.44
N SER A 65 -5.66 -1.70 5.46
CA SER A 65 -6.60 -2.78 5.41
C SER A 65 -7.50 -2.61 4.19
N GLN A 66 -8.24 -1.52 4.18
CA GLN A 66 -9.11 -1.22 3.07
C GLN A 66 -8.83 0.19 2.59
N GLY A 67 -8.91 1.14 3.50
CA GLY A 67 -8.66 2.53 3.15
C GLY A 67 -7.33 2.67 2.45
N LEU A 68 -6.28 2.31 3.15
CA LEU A 68 -4.93 2.39 2.61
C LEU A 68 -4.77 1.33 1.53
N ALA A 69 -5.28 0.15 1.80
CA ALA A 69 -5.18 -0.93 0.84
C ALA A 69 -5.58 -0.42 -0.52
N GLU A 70 -6.78 0.10 -0.61
CA GLU A 70 -7.28 0.65 -1.86
C GLU A 70 -6.33 1.75 -2.33
N LYS A 71 -6.05 2.66 -1.42
CA LYS A 71 -5.17 3.77 -1.71
C LYS A 71 -3.91 3.27 -2.38
N ILE A 72 -3.43 2.13 -1.91
CA ILE A 72 -2.23 1.54 -2.45
C ILE A 72 -2.55 0.86 -3.77
N PHE A 73 -3.65 0.14 -3.78
CA PHE A 73 -4.11 -0.56 -4.96
C PHE A 73 -4.13 0.38 -6.16
N TRP A 74 -4.78 1.52 -5.97
CA TRP A 74 -4.89 2.51 -7.03
C TRP A 74 -3.53 3.13 -7.35
N SER A 75 -2.56 2.94 -6.48
CA SER A 75 -1.24 3.53 -6.67
C SER A 75 -0.46 2.88 -7.81
N LEU A 76 0.06 1.68 -7.56
CA LEU A 76 0.87 1.00 -8.56
C LEU A 76 0.06 0.71 -9.82
N LYS A 77 -0.87 -0.22 -9.72
CA LYS A 77 -1.68 -0.59 -10.86
C LYS A 77 -3.11 -0.86 -10.46
N HIS A 78 -3.40 -2.10 -10.07
CA HIS A 78 -4.73 -2.48 -9.65
C HIS A 78 -4.78 -3.97 -9.40
N THR A 23 -5.97 18.67 -6.55
CA THR A 23 -5.17 17.61 -7.13
C THR A 23 -4.38 16.87 -6.05
N SER A 24 -4.83 17.05 -4.81
CA SER A 24 -4.18 16.42 -3.67
C SER A 24 -3.73 15.02 -4.05
N SER A 25 -2.63 14.58 -3.45
CA SER A 25 -2.07 13.27 -3.74
C SER A 25 -3.08 12.17 -3.42
N LEU A 26 -4.24 12.57 -2.93
CA LEU A 26 -5.30 11.62 -2.59
C LEU A 26 -5.50 10.60 -3.70
N GLU A 27 -4.99 10.91 -4.87
CA GLU A 27 -5.11 10.02 -6.02
C GLU A 27 -4.72 8.61 -5.60
N THR A 28 -3.84 8.54 -4.62
CA THR A 28 -3.35 7.27 -4.12
C THR A 28 -2.65 7.46 -2.78
N ILE A 29 -2.09 8.65 -2.63
CA ILE A 29 -1.37 9.03 -1.44
C ILE A 29 -2.29 9.31 -0.28
N GLU A 30 -2.17 8.49 0.72
CA GLU A 30 -2.93 8.60 1.93
C GLU A 30 -2.21 7.81 2.97
N GLY A 31 -1.32 8.49 3.67
CA GLY A 31 -0.50 7.85 4.65
C GLY A 31 0.82 7.52 4.02
N VAL A 32 1.04 8.07 2.83
CA VAL A 32 2.26 7.85 2.11
C VAL A 32 3.22 8.98 2.36
N GLY A 33 4.47 8.63 2.30
CA GLY A 33 5.54 9.58 2.53
C GLY A 33 6.35 9.24 3.76
N PRO A 34 5.68 8.76 4.81
CA PRO A 34 6.34 8.39 6.06
C PRO A 34 7.07 7.06 5.95
N LYS A 35 6.32 5.97 6.08
CA LYS A 35 6.90 4.64 5.98
C LYS A 35 5.99 3.71 5.21
N ARG A 36 4.78 4.16 4.93
CA ARG A 36 3.81 3.33 4.23
C ARG A 36 4.42 2.60 3.05
N ARG A 37 4.96 3.34 2.11
CA ARG A 37 5.56 2.75 0.93
C ARG A 37 6.64 1.76 1.34
N GLN A 38 7.40 2.13 2.35
CA GLN A 38 8.49 1.30 2.82
C GLN A 38 7.96 0.07 3.54
N MET A 39 6.92 0.23 4.33
CA MET A 39 6.39 -0.89 5.06
C MET A 39 5.90 -1.91 4.07
N LEU A 40 5.14 -1.42 3.10
CA LEU A 40 4.63 -2.26 2.05
C LEU A 40 5.77 -3.08 1.47
N LEU A 41 6.75 -2.39 0.93
CA LEU A 41 7.90 -3.05 0.34
C LEU A 41 8.53 -4.01 1.33
N LYS A 42 8.72 -3.54 2.55
CA LYS A 42 9.31 -4.37 3.58
C LYS A 42 8.35 -5.48 3.97
N TYR A 43 7.08 -5.27 3.66
CA TYR A 43 6.04 -6.23 3.98
C TYR A 43 5.91 -7.27 2.88
N MET A 44 6.19 -6.87 1.65
CA MET A 44 6.06 -7.77 0.50
C MET A 44 7.42 -8.28 0.03
N GLY A 45 8.41 -7.41 0.02
CA GLY A 45 9.72 -7.77 -0.43
C GLY A 45 9.87 -7.54 -1.91
N GLY A 46 9.27 -6.43 -2.37
CA GLY A 46 9.33 -6.09 -3.77
C GLY A 46 8.07 -5.39 -4.22
N LEU A 47 8.18 -4.13 -4.60
CA LEU A 47 7.02 -3.37 -5.04
C LEU A 47 6.15 -4.24 -5.92
N GLN A 48 6.80 -5.04 -6.75
CA GLN A 48 6.11 -5.94 -7.65
C GLN A 48 5.04 -6.69 -6.88
N GLY A 49 5.46 -7.27 -5.77
CA GLY A 49 4.54 -8.02 -4.93
C GLY A 49 3.30 -7.21 -4.66
N LEU A 50 3.48 -5.90 -4.62
CA LEU A 50 2.39 -5.00 -4.39
C LEU A 50 1.68 -4.73 -5.71
N ARG A 51 2.47 -4.53 -6.74
CA ARG A 51 1.94 -4.27 -8.06
C ARG A 51 0.99 -5.38 -8.44
N ASN A 52 1.27 -6.54 -7.90
CA ASN A 52 0.44 -7.72 -8.14
C ASN A 52 -0.62 -7.80 -7.05
N ALA A 53 -0.22 -7.44 -5.84
CA ALA A 53 -1.12 -7.47 -4.71
C ALA A 53 -2.20 -6.42 -4.83
N SER A 54 -3.44 -6.82 -4.65
CA SER A 54 -4.54 -5.90 -4.72
C SER A 54 -5.00 -5.60 -3.31
N VAL A 55 -6.10 -4.90 -3.20
CA VAL A 55 -6.63 -4.57 -1.90
C VAL A 55 -6.59 -5.79 -1.02
N GLU A 56 -6.88 -6.92 -1.64
CA GLU A 56 -6.90 -8.21 -0.98
C GLU A 56 -5.60 -8.45 -0.21
N GLU A 57 -4.48 -8.22 -0.86
CA GLU A 57 -3.19 -8.43 -0.24
C GLU A 57 -2.75 -7.21 0.54
N ILE A 58 -2.91 -6.06 -0.09
CA ILE A 58 -2.53 -4.82 0.50
C ILE A 58 -3.22 -4.63 1.84
N ALA A 59 -4.42 -5.15 1.94
CA ALA A 59 -5.19 -5.04 3.16
C ALA A 59 -4.63 -5.92 4.26
N LYS A 60 -3.32 -6.15 4.23
CA LYS A 60 -2.67 -6.99 5.22
C LYS A 60 -1.48 -6.26 5.78
N VAL A 61 -1.60 -4.95 5.90
CA VAL A 61 -0.53 -4.13 6.41
C VAL A 61 -1.07 -3.14 7.46
N PRO A 62 -0.19 -2.35 8.09
CA PRO A 62 -0.56 -1.39 9.15
C PRO A 62 -1.79 -0.57 8.81
N GLY A 63 -2.90 -0.87 9.46
CA GLY A 63 -4.13 -0.15 9.20
C GLY A 63 -4.64 -0.38 7.81
N ILE A 64 -3.75 -0.83 6.94
CA ILE A 64 -4.08 -1.10 5.57
C ILE A 64 -5.06 -2.26 5.49
N SER A 65 -6.33 -1.92 5.57
CA SER A 65 -7.40 -2.89 5.52
C SER A 65 -8.29 -2.65 4.31
N GLN A 66 -8.84 -1.45 4.23
CA GLN A 66 -9.71 -1.09 3.12
C GLN A 66 -9.30 0.27 2.58
N GLY A 67 -9.28 1.26 3.43
CA GLY A 67 -8.90 2.60 3.00
C GLY A 67 -7.51 2.59 2.42
N LEU A 68 -6.54 2.25 3.25
CA LEU A 68 -5.16 2.21 2.82
C LEU A 68 -5.01 1.15 1.75
N ALA A 69 -5.60 -0.01 1.99
CA ALA A 69 -5.52 -1.09 1.03
C ALA A 69 -5.77 -0.57 -0.37
N GLU A 70 -6.91 0.09 -0.54
CA GLU A 70 -7.25 0.65 -1.83
C GLU A 70 -6.21 1.69 -2.20
N LYS A 71 -5.95 2.59 -1.25
CA LYS A 71 -5.00 3.66 -1.44
C LYS A 71 -3.72 3.11 -2.04
N ILE A 72 -3.33 1.94 -1.60
CA ILE A 72 -2.12 1.29 -2.11
C ILE A 72 -2.43 0.57 -3.40
N PHE A 73 -3.56 -0.09 -3.44
CA PHE A 73 -3.96 -0.81 -4.64
C PHE A 73 -3.80 0.11 -5.84
N TRP A 74 -4.41 1.27 -5.75
CA TRP A 74 -4.36 2.26 -6.80
C TRP A 74 -2.94 2.75 -7.03
N SER A 75 -2.05 2.41 -6.11
CA SER A 75 -0.65 2.82 -6.23
C SER A 75 0.03 2.09 -7.39
N LEU A 76 -0.39 0.85 -7.63
CA LEU A 76 0.19 0.07 -8.72
C LEU A 76 -0.85 -0.78 -9.44
N LYS A 77 -1.77 -1.35 -8.67
CA LYS A 77 -2.81 -2.20 -9.22
C LYS A 77 -3.67 -1.46 -10.23
N HIS A 78 -3.40 -0.17 -10.41
CA HIS A 78 -4.15 0.62 -11.36
C HIS A 78 -3.23 1.48 -12.18
N THR A 23 4.11 10.33 12.30
CA THR A 23 5.38 10.17 11.63
C THR A 23 5.31 9.06 10.59
N SER A 24 4.09 8.68 10.22
CA SER A 24 3.87 7.63 9.25
C SER A 24 3.48 8.22 7.91
N SER A 25 3.55 7.40 6.86
CA SER A 25 3.19 7.85 5.55
C SER A 25 2.03 7.04 5.00
N LEU A 26 1.08 6.73 5.86
CA LEU A 26 -0.09 5.98 5.47
C LEU A 26 -1.19 6.93 5.02
N GLU A 27 -2.17 7.14 5.89
CA GLU A 27 -3.29 8.01 5.57
C GLU A 27 -2.79 9.36 5.04
N THR A 28 -1.49 9.57 5.15
CA THR A 28 -0.87 10.78 4.70
C THR A 28 -0.40 10.62 3.26
N ILE A 29 -1.04 9.69 2.57
CA ILE A 29 -0.74 9.40 1.19
C ILE A 29 -0.70 10.67 0.35
N GLU A 30 0.43 11.35 0.41
CA GLU A 30 0.66 12.57 -0.32
C GLU A 30 2.14 12.62 -0.66
N GLY A 31 2.67 11.43 -0.90
CA GLY A 31 4.08 11.26 -1.20
C GLY A 31 4.67 10.19 -0.33
N VAL A 32 3.94 9.09 -0.22
CA VAL A 32 4.39 7.99 0.57
C VAL A 32 5.64 7.37 -0.01
N GLY A 33 6.35 6.69 0.85
CA GLY A 33 7.59 6.05 0.46
C GLY A 33 8.44 5.82 1.68
N PRO A 34 8.56 6.82 2.56
CA PRO A 34 9.35 6.71 3.79
C PRO A 34 8.94 5.49 4.59
N LYS A 35 7.66 5.38 4.86
CA LYS A 35 7.16 4.27 5.66
C LYS A 35 6.06 3.50 4.94
N ARG A 36 5.04 4.19 4.43
CA ARG A 36 3.94 3.50 3.78
C ARG A 36 4.46 2.45 2.82
N ARG A 37 5.19 2.91 1.84
CA ARG A 37 5.75 2.01 0.84
C ARG A 37 6.67 1.03 1.52
N GLN A 38 7.36 1.51 2.53
CA GLN A 38 8.26 0.70 3.30
C GLN A 38 7.51 -0.49 3.86
N MET A 39 6.32 -0.24 4.39
CA MET A 39 5.52 -1.30 4.96
C MET A 39 5.26 -2.36 3.92
N LEU A 40 4.59 -1.98 2.84
CA LEU A 40 4.29 -2.93 1.78
C LEU A 40 5.57 -3.62 1.32
N LEU A 41 6.52 -2.80 0.89
CA LEU A 41 7.79 -3.29 0.40
C LEU A 41 8.50 -4.16 1.43
N LYS A 42 8.32 -3.84 2.70
CA LYS A 42 8.93 -4.60 3.77
C LYS A 42 8.07 -5.80 4.10
N TYR A 43 6.82 -5.70 3.70
CA TYR A 43 5.84 -6.75 3.92
C TYR A 43 5.92 -7.78 2.81
N MET A 44 6.36 -7.35 1.64
CA MET A 44 6.48 -8.23 0.50
C MET A 44 7.93 -8.37 0.04
N GLY A 45 8.64 -7.26 0.05
CA GLY A 45 10.02 -7.26 -0.38
C GLY A 45 10.13 -6.97 -1.86
N GLY A 46 9.40 -5.95 -2.31
CA GLY A 46 9.44 -5.60 -3.71
C GLY A 46 8.13 -5.00 -4.18
N LEU A 47 8.17 -3.74 -4.59
CA LEU A 47 6.96 -3.07 -5.04
C LEU A 47 6.16 -3.99 -5.93
N GLN A 48 6.84 -4.63 -6.83
CA GLN A 48 6.20 -5.56 -7.73
C GLN A 48 5.20 -6.41 -6.95
N GLY A 49 5.69 -7.02 -5.89
CA GLY A 49 4.82 -7.84 -5.07
C GLY A 49 3.61 -7.07 -4.63
N LEU A 50 3.81 -5.77 -4.46
CA LEU A 50 2.73 -4.89 -4.05
C LEU A 50 1.79 -4.72 -5.22
N ARG A 51 2.34 -4.32 -6.35
CA ARG A 51 1.55 -4.15 -7.56
C ARG A 51 0.78 -5.43 -7.79
N ASN A 52 1.42 -6.52 -7.44
CA ASN A 52 0.83 -7.84 -7.59
C ASN A 52 -0.24 -8.01 -6.53
N ALA A 53 -0.03 -7.37 -5.40
CA ALA A 53 -0.94 -7.44 -4.28
C ALA A 53 -2.10 -6.47 -4.47
N SER A 54 -3.30 -6.98 -4.40
CA SER A 54 -4.46 -6.15 -4.53
C SER A 54 -4.93 -5.80 -3.13
N VAL A 55 -6.09 -5.21 -3.03
CA VAL A 55 -6.61 -4.84 -1.74
C VAL A 55 -6.47 -6.01 -0.80
N GLU A 56 -6.76 -7.17 -1.34
CA GLU A 56 -6.68 -8.41 -0.60
C GLU A 56 -5.36 -8.51 0.15
N GLU A 57 -4.27 -8.29 -0.57
CA GLU A 57 -2.95 -8.36 -0.02
C GLU A 57 -2.61 -7.07 0.71
N ILE A 58 -2.75 -5.99 -0.02
CA ILE A 58 -2.46 -4.67 0.49
C ILE A 58 -3.18 -4.41 1.79
N ALA A 59 -4.29 -5.08 1.99
CA ALA A 59 -5.07 -4.91 3.20
C ALA A 59 -4.52 -5.80 4.33
N LYS A 60 -3.24 -6.13 4.23
CA LYS A 60 -2.61 -7.00 5.22
C LYS A 60 -1.36 -6.31 5.74
N VAL A 61 -1.43 -5.00 5.80
CA VAL A 61 -0.31 -4.18 6.27
C VAL A 61 -0.78 -3.31 7.43
N PRO A 62 0.12 -2.48 7.98
CA PRO A 62 -0.19 -1.61 9.12
C PRO A 62 -1.45 -0.80 8.90
N GLY A 63 -2.57 -1.31 9.38
CA GLY A 63 -3.81 -0.59 9.24
C GLY A 63 -4.28 -0.57 7.80
N ILE A 64 -3.35 -0.69 6.87
CA ILE A 64 -3.67 -0.69 5.49
C ILE A 64 -4.74 -1.70 5.19
N SER A 65 -5.92 -1.18 4.94
CA SER A 65 -7.05 -1.98 4.61
C SER A 65 -7.90 -1.10 3.73
N GLN A 66 -8.98 -1.64 3.22
CA GLN A 66 -9.89 -0.89 2.39
C GLN A 66 -9.43 0.57 2.23
N GLY A 67 -9.29 1.28 3.33
CA GLY A 67 -8.88 2.66 3.26
C GLY A 67 -7.51 2.81 2.62
N LEU A 68 -6.49 2.26 3.26
CA LEU A 68 -5.14 2.34 2.73
C LEU A 68 -4.97 1.29 1.65
N ALA A 69 -5.51 0.12 1.91
CA ALA A 69 -5.44 -0.97 0.96
C ALA A 69 -5.87 -0.48 -0.42
N GLU A 70 -7.07 0.04 -0.51
CA GLU A 70 -7.56 0.55 -1.78
C GLU A 70 -6.65 1.67 -2.25
N LYS A 71 -6.36 2.58 -1.34
CA LYS A 71 -5.51 3.70 -1.64
C LYS A 71 -4.25 3.21 -2.34
N ILE A 72 -3.69 2.12 -1.81
CA ILE A 72 -2.50 1.53 -2.37
C ILE A 72 -2.84 0.87 -3.69
N PHE A 73 -3.94 0.16 -3.71
CA PHE A 73 -4.39 -0.51 -4.91
C PHE A 73 -4.38 0.49 -6.06
N TRP A 74 -5.01 1.63 -5.83
CA TRP A 74 -5.09 2.69 -6.83
C TRP A 74 -3.70 3.22 -7.16
N SER A 75 -2.72 2.86 -6.35
CA SER A 75 -1.36 3.32 -6.56
C SER A 75 -0.52 2.35 -7.38
N LEU A 76 -1.07 1.18 -7.67
CA LEU A 76 -0.33 0.19 -8.43
C LEU A 76 -1.24 -0.65 -9.32
N LYS A 77 -2.10 -1.40 -8.67
CA LYS A 77 -3.01 -2.30 -9.35
C LYS A 77 -3.49 -1.72 -10.66
N HIS A 78 -3.75 -0.41 -10.68
CA HIS A 78 -4.20 0.25 -11.89
C HIS A 78 -4.29 1.74 -11.65
N THR A 23 4.66 1.53 12.18
CA THR A 23 3.73 0.58 11.58
C THR A 23 2.49 1.31 11.06
N SER A 24 2.27 2.51 11.60
CA SER A 24 1.12 3.31 11.19
C SER A 24 1.58 4.59 10.50
N SER A 25 0.63 5.35 9.98
CA SER A 25 0.95 6.60 9.31
C SER A 25 -0.31 7.46 9.16
N LEU A 26 -1.33 7.16 9.94
CA LEU A 26 -2.58 7.90 9.88
C LEU A 26 -2.30 9.39 9.83
N GLU A 27 -1.27 9.81 10.53
CA GLU A 27 -0.91 11.20 10.55
C GLU A 27 -0.83 11.75 9.14
N THR A 28 -0.26 10.96 8.24
CA THR A 28 -0.13 11.38 6.86
C THR A 28 -1.04 10.59 5.94
N ILE A 29 -1.66 9.54 6.45
CA ILE A 29 -2.55 8.72 5.66
C ILE A 29 -3.74 9.54 5.18
N GLU A 30 -3.47 10.27 4.14
CA GLU A 30 -4.41 11.14 3.48
C GLU A 30 -3.76 11.43 2.15
N GLY A 31 -3.19 10.36 1.62
CA GLY A 31 -2.39 10.43 0.42
C GLY A 31 -0.94 10.36 0.84
N VAL A 32 -0.72 9.61 1.92
CA VAL A 32 0.57 9.42 2.52
C VAL A 32 1.67 9.11 1.50
N GLY A 33 2.51 8.15 1.81
CA GLY A 33 3.60 7.85 0.91
C GLY A 33 4.96 7.88 1.60
N PRO A 34 5.18 8.82 2.53
CA PRO A 34 6.44 8.94 3.24
C PRO A 34 7.11 7.59 3.52
N LYS A 35 6.38 6.70 4.18
CA LYS A 35 6.91 5.38 4.50
C LYS A 35 5.83 4.32 4.37
N ARG A 36 4.60 4.77 4.54
CA ARG A 36 3.45 3.92 4.48
C ARG A 36 3.47 2.99 3.27
N ARG A 37 4.06 3.44 2.19
CA ARG A 37 4.11 2.66 0.98
C ARG A 37 5.35 1.80 0.98
N GLN A 38 6.30 2.19 1.80
CA GLN A 38 7.54 1.47 1.94
C GLN A 38 7.28 0.26 2.80
N MET A 39 6.37 0.43 3.76
CA MET A 39 6.01 -0.65 4.65
C MET A 39 5.70 -1.88 3.84
N LEU A 40 4.81 -1.74 2.86
CA LEU A 40 4.45 -2.86 2.01
C LEU A 40 5.71 -3.50 1.47
N LEU A 41 6.49 -2.70 0.75
CA LEU A 41 7.73 -3.17 0.17
C LEU A 41 8.56 -3.89 1.21
N LYS A 42 8.51 -3.40 2.43
CA LYS A 42 9.27 -4.00 3.52
C LYS A 42 8.50 -5.19 4.07
N TYR A 43 7.21 -5.20 3.81
CA TYR A 43 6.32 -6.25 4.27
C TYR A 43 6.21 -7.36 3.23
N MET A 44 6.56 -7.04 1.99
CA MET A 44 6.50 -8.00 0.91
C MET A 44 7.89 -8.26 0.33
N GLY A 45 8.72 -7.25 0.35
CA GLY A 45 10.07 -7.38 -0.15
C GLY A 45 10.18 -7.12 -1.63
N GLY A 46 9.29 -6.29 -2.15
CA GLY A 46 9.33 -5.97 -3.57
C GLY A 46 8.01 -5.46 -4.06
N LEU A 47 8.03 -4.25 -4.58
CA LEU A 47 6.83 -3.63 -5.08
C LEU A 47 6.14 -4.56 -6.05
N GLN A 48 6.90 -5.29 -6.82
CA GLN A 48 6.34 -6.23 -7.75
C GLN A 48 5.19 -6.96 -7.08
N GLY A 49 5.47 -7.41 -5.87
CA GLY A 49 4.47 -8.13 -5.12
C GLY A 49 3.28 -7.26 -4.84
N LEU A 50 3.56 -5.99 -4.66
CA LEU A 50 2.54 -5.00 -4.39
C LEU A 50 1.72 -4.74 -5.65
N ARG A 51 2.41 -4.65 -6.76
CA ARG A 51 1.76 -4.38 -8.04
C ARG A 51 0.63 -5.37 -8.27
N ASN A 52 0.82 -6.58 -7.79
CA ASN A 52 -0.21 -7.60 -7.91
C ASN A 52 -1.02 -7.66 -6.62
N ALA A 53 -0.41 -7.20 -5.55
CA ALA A 53 -1.09 -7.18 -4.26
C ALA A 53 -2.26 -6.22 -4.33
N SER A 54 -3.45 -6.73 -4.51
CA SER A 54 -4.61 -5.89 -4.60
C SER A 54 -5.03 -5.53 -3.20
N VAL A 55 -5.99 -4.66 -3.09
CA VAL A 55 -6.47 -4.23 -1.80
C VAL A 55 -6.50 -5.40 -0.84
N GLU A 56 -6.93 -6.52 -1.36
CA GLU A 56 -7.05 -7.74 -0.60
C GLU A 56 -5.71 -8.12 0.01
N GLU A 57 -4.70 -8.15 -0.83
CA GLU A 57 -3.36 -8.50 -0.41
C GLU A 57 -2.78 -7.36 0.38
N ILE A 58 -2.84 -6.19 -0.20
CA ILE A 58 -2.34 -5.01 0.44
C ILE A 58 -3.00 -4.89 1.79
N ALA A 59 -4.20 -5.42 1.89
CA ALA A 59 -4.93 -5.37 3.14
C ALA A 59 -4.36 -6.38 4.13
N LYS A 60 -3.06 -6.63 4.04
CA LYS A 60 -2.40 -7.57 4.93
C LYS A 60 -1.31 -6.85 5.70
N VAL A 61 -1.49 -5.55 5.82
CA VAL A 61 -0.55 -4.72 6.51
C VAL A 61 -1.26 -3.99 7.65
N PRO A 62 -0.61 -3.05 8.33
CA PRO A 62 -1.23 -2.29 9.43
C PRO A 62 -2.62 -1.77 9.04
N GLY A 63 -3.02 -0.64 9.59
CA GLY A 63 -4.31 -0.08 9.22
C GLY A 63 -4.65 -0.36 7.77
N ILE A 64 -3.62 -0.59 6.97
CA ILE A 64 -3.78 -0.90 5.58
C ILE A 64 -4.70 -2.09 5.39
N SER A 65 -5.98 -1.83 5.42
CA SER A 65 -6.98 -2.86 5.27
C SER A 65 -7.83 -2.57 4.04
N GLN A 66 -8.44 -1.41 4.03
CA GLN A 66 -9.25 -0.99 2.91
C GLN A 66 -8.85 0.43 2.52
N GLY A 67 -8.90 1.33 3.47
CA GLY A 67 -8.53 2.70 3.18
C GLY A 67 -7.16 2.75 2.54
N LEU A 68 -6.15 2.31 3.27
CA LEU A 68 -4.79 2.29 2.78
C LEU A 68 -4.67 1.25 1.69
N ALA A 69 -5.27 0.10 1.92
CA ALA A 69 -5.24 -0.97 0.94
C ALA A 69 -5.51 -0.39 -0.43
N GLU A 70 -6.61 0.34 -0.53
CA GLU A 70 -6.98 0.99 -1.77
C GLU A 70 -5.90 2.00 -2.13
N LYS A 71 -5.56 2.82 -1.15
CA LYS A 71 -4.54 3.83 -1.31
C LYS A 71 -3.32 3.25 -1.99
N ILE A 72 -3.01 2.02 -1.64
CA ILE A 72 -1.86 1.34 -2.21
C ILE A 72 -2.23 0.67 -3.52
N PHE A 73 -3.38 0.02 -3.53
CA PHE A 73 -3.84 -0.67 -4.72
C PHE A 73 -3.72 0.26 -5.91
N TRP A 74 -4.32 1.43 -5.79
CA TRP A 74 -4.28 2.41 -6.85
C TRP A 74 -2.84 2.63 -7.29
N SER A 75 -1.99 2.92 -6.33
CA SER A 75 -0.58 3.19 -6.58
C SER A 75 -0.06 2.44 -7.81
N LEU A 76 -0.25 1.13 -7.85
CA LEU A 76 0.23 0.34 -8.97
C LEU A 76 -0.90 -0.04 -9.91
N LYS A 77 -2.12 -0.08 -9.40
CA LYS A 77 -3.26 -0.46 -10.21
C LYS A 77 -3.94 0.73 -10.89
N HIS A 78 -4.63 1.55 -10.11
CA HIS A 78 -5.35 2.69 -10.68
C HIS A 78 -5.46 3.84 -9.68
N THR A 23 -13.43 4.11 4.02
CA THR A 23 -12.31 4.22 3.09
C THR A 23 -11.89 5.68 2.94
N SER A 24 -12.47 6.55 3.76
CA SER A 24 -12.18 7.97 3.72
C SER A 24 -10.68 8.22 3.85
N SER A 25 -9.94 7.19 4.26
CA SER A 25 -8.50 7.29 4.40
C SER A 25 -8.12 8.23 5.54
N LEU A 26 -9.10 8.65 6.30
CA LEU A 26 -8.87 9.57 7.40
C LEU A 26 -8.06 8.91 8.51
N GLU A 27 -7.60 7.69 8.27
CA GLU A 27 -6.82 6.97 9.27
C GLU A 27 -5.44 7.60 9.42
N THR A 28 -5.06 8.40 8.45
CA THR A 28 -3.75 9.05 8.45
C THR A 28 -3.36 9.48 7.05
N ILE A 29 -3.97 8.83 6.07
CA ILE A 29 -3.69 9.12 4.68
C ILE A 29 -3.79 10.59 4.39
N GLU A 30 -2.68 11.26 4.58
CA GLU A 30 -2.58 12.69 4.38
C GLU A 30 -1.22 13.01 3.79
N GLY A 31 -0.76 12.15 2.90
CA GLY A 31 0.53 12.36 2.27
C GLY A 31 1.31 11.08 2.06
N VAL A 32 0.77 9.96 2.52
CA VAL A 32 1.43 8.68 2.37
C VAL A 32 2.33 8.67 1.15
N GLY A 33 3.59 8.38 1.41
CA GLY A 33 4.61 8.34 0.40
C GLY A 33 5.94 8.07 1.04
N PRO A 34 6.24 8.80 2.13
CA PRO A 34 7.46 8.60 2.89
C PRO A 34 7.88 7.15 2.94
N LYS A 35 7.00 6.31 3.48
CA LYS A 35 7.28 4.88 3.60
C LYS A 35 6.10 4.10 4.15
N ARG A 36 5.14 4.81 4.70
CA ARG A 36 3.97 4.18 5.26
C ARG A 36 3.43 3.08 4.36
N ARG A 37 3.09 3.44 3.14
CA ARG A 37 2.56 2.44 2.22
C ARG A 37 3.64 1.41 1.95
N GLN A 38 4.88 1.85 2.01
CA GLN A 38 5.99 0.96 1.80
C GLN A 38 5.86 -0.24 2.68
N MET A 39 5.08 -0.12 3.75
CA MET A 39 4.89 -1.25 4.64
C MET A 39 4.72 -2.47 3.79
N LEU A 40 3.96 -2.34 2.72
CA LEU A 40 3.79 -3.44 1.81
C LEU A 40 5.14 -3.90 1.33
N LEU A 41 5.93 -2.95 0.85
CA LEU A 41 7.27 -3.23 0.39
C LEU A 41 8.06 -3.90 1.49
N LYS A 42 7.76 -3.54 2.73
CA LYS A 42 8.44 -4.13 3.87
C LYS A 42 7.89 -5.52 4.14
N TYR A 43 6.63 -5.71 3.79
CA TYR A 43 5.96 -6.99 4.01
C TYR A 43 6.27 -7.97 2.89
N MET A 44 6.54 -7.44 1.71
CA MET A 44 6.85 -8.26 0.55
C MET A 44 8.31 -8.11 0.14
N GLY A 45 8.80 -6.89 0.24
CA GLY A 45 10.17 -6.61 -0.13
C GLY A 45 10.32 -6.50 -1.62
N GLY A 46 9.41 -5.75 -2.22
CA GLY A 46 9.42 -5.56 -3.65
C GLY A 46 8.08 -5.06 -4.17
N LEU A 47 8.06 -3.80 -4.59
CA LEU A 47 6.83 -3.21 -5.09
C LEU A 47 6.10 -4.22 -5.96
N GLN A 48 6.88 -4.91 -6.77
CA GLN A 48 6.34 -5.92 -7.66
C GLN A 48 5.35 -6.80 -6.91
N GLY A 49 5.79 -7.35 -5.79
CA GLY A 49 4.94 -8.19 -5.00
C GLY A 49 3.61 -7.53 -4.75
N LEU A 50 3.65 -6.22 -4.66
CA LEU A 50 2.46 -5.43 -4.44
C LEU A 50 1.74 -5.18 -5.75
N ARG A 51 2.51 -4.92 -6.77
CA ARG A 51 1.96 -4.65 -8.09
C ARG A 51 0.86 -5.65 -8.41
N ASN A 52 1.16 -6.90 -8.15
CA ASN A 52 0.21 -7.97 -8.39
C ASN A 52 -0.80 -8.01 -7.26
N ALA A 53 -0.34 -7.58 -6.11
CA ALA A 53 -1.15 -7.55 -4.92
C ALA A 53 -2.22 -6.49 -5.02
N SER A 54 -3.43 -6.84 -4.65
CA SER A 54 -4.52 -5.91 -4.66
C SER A 54 -4.86 -5.60 -3.22
N VAL A 55 -5.85 -4.79 -2.99
CA VAL A 55 -6.21 -4.46 -1.64
C VAL A 55 -6.25 -5.72 -0.81
N GLU A 56 -6.79 -6.75 -1.41
CA GLU A 56 -6.91 -8.05 -0.77
C GLU A 56 -5.62 -8.40 -0.05
N GLU A 57 -4.50 -8.22 -0.74
CA GLU A 57 -3.20 -8.52 -0.17
C GLU A 57 -2.66 -7.33 0.58
N ILE A 58 -2.70 -6.18 -0.06
CA ILE A 58 -2.21 -4.96 0.54
C ILE A 58 -2.80 -4.79 1.92
N ALA A 59 -4.01 -5.31 2.08
CA ALA A 59 -4.70 -5.22 3.35
C ALA A 59 -4.14 -6.23 4.33
N LYS A 60 -2.86 -6.49 4.22
CA LYS A 60 -2.20 -7.45 5.10
C LYS A 60 -1.11 -6.75 5.88
N VAL A 61 -1.14 -5.43 5.84
CA VAL A 61 -0.16 -4.62 6.52
C VAL A 61 -0.84 -3.90 7.67
N PRO A 62 -0.12 -3.04 8.38
CA PRO A 62 -0.66 -2.23 9.47
C PRO A 62 -1.94 -1.53 9.01
N GLY A 63 -2.28 -0.41 9.61
CA GLY A 63 -3.48 0.31 9.22
C GLY A 63 -3.93 0.00 7.80
N ILE A 64 -2.97 -0.20 6.91
CA ILE A 64 -3.27 -0.50 5.52
C ILE A 64 -4.22 -1.70 5.41
N SER A 65 -5.49 -1.44 5.53
CA SER A 65 -6.49 -2.48 5.42
C SER A 65 -7.35 -2.22 4.20
N GLN A 66 -7.96 -1.04 4.16
CA GLN A 66 -8.80 -0.67 3.04
C GLN A 66 -8.48 0.75 2.60
N GLY A 67 -8.55 1.70 3.52
CA GLY A 67 -8.23 3.05 3.17
C GLY A 67 -6.91 3.12 2.44
N LEU A 68 -5.87 2.69 3.13
CA LEU A 68 -4.53 2.68 2.58
C LEU A 68 -4.42 1.59 1.53
N ALA A 69 -4.89 0.42 1.87
CA ALA A 69 -4.84 -0.72 0.96
C ALA A 69 -5.27 -0.26 -0.42
N GLU A 70 -6.44 0.34 -0.48
CA GLU A 70 -6.96 0.85 -1.73
C GLU A 70 -6.02 1.90 -2.27
N LYS A 71 -5.57 2.77 -1.37
CA LYS A 71 -4.68 3.85 -1.73
C LYS A 71 -3.44 3.31 -2.40
N ILE A 72 -3.03 2.14 -1.97
CA ILE A 72 -1.87 1.49 -2.53
C ILE A 72 -2.26 0.78 -3.81
N PHE A 73 -3.38 0.09 -3.74
CA PHE A 73 -3.87 -0.66 -4.88
C PHE A 73 -4.06 0.25 -6.09
N TRP A 74 -4.63 1.42 -5.85
CA TRP A 74 -4.89 2.37 -6.91
C TRP A 74 -3.63 2.70 -7.70
N SER A 75 -2.48 2.35 -7.16
CA SER A 75 -1.22 2.61 -7.82
C SER A 75 -0.90 1.55 -8.87
N LEU A 76 -0.40 0.41 -8.39
CA LEU A 76 -0.04 -0.69 -9.26
C LEU A 76 -1.22 -1.20 -10.05
N LYS A 77 -2.10 -1.93 -9.37
CA LYS A 77 -3.25 -2.48 -9.99
C LYS A 77 -2.91 -3.73 -10.79
N HIS A 78 -3.15 -4.87 -10.17
CA HIS A 78 -2.88 -6.16 -10.80
C HIS A 78 -3.47 -6.21 -12.19
N THR A 23 0.20 7.01 -12.08
CA THR A 23 -0.87 7.89 -11.61
C THR A 23 -0.78 8.06 -10.10
N SER A 24 0.19 7.41 -9.49
CA SER A 24 0.36 7.47 -8.06
C SER A 24 1.83 7.59 -7.69
N SER A 25 2.12 8.50 -6.77
CA SER A 25 3.47 8.70 -6.29
C SER A 25 3.91 7.47 -5.51
N LEU A 26 4.14 6.37 -6.23
CA LEU A 26 4.52 5.10 -5.63
C LEU A 26 5.56 5.26 -4.52
N GLU A 27 6.13 6.44 -4.39
CA GLU A 27 7.12 6.68 -3.37
C GLU A 27 6.49 7.36 -2.17
N THR A 28 5.51 8.18 -2.44
CA THR A 28 4.81 8.92 -1.42
C THR A 28 3.43 9.30 -1.89
N ILE A 29 2.76 8.31 -2.44
CA ILE A 29 1.40 8.48 -2.92
C ILE A 29 0.56 9.16 -1.87
N GLU A 30 -0.56 9.73 -2.30
CA GLU A 30 -1.47 10.42 -1.41
C GLU A 30 -2.16 9.45 -0.44
N GLY A 31 -1.54 8.32 -0.22
CA GLY A 31 -2.09 7.32 0.69
C GLY A 31 -0.95 6.58 1.31
N VAL A 32 -0.08 6.14 0.43
CA VAL A 32 1.12 5.46 0.82
C VAL A 32 2.29 6.36 0.54
N GLY A 33 3.05 6.63 1.57
CA GLY A 33 4.18 7.51 1.47
C GLY A 33 4.89 7.64 2.79
N PRO A 34 4.14 7.81 3.88
CA PRO A 34 4.74 7.90 5.20
C PRO A 34 5.75 6.78 5.36
N LYS A 35 5.25 5.63 5.76
CA LYS A 35 6.07 4.44 5.89
C LYS A 35 5.44 3.35 5.05
N ARG A 36 4.23 3.65 4.60
CA ARG A 36 3.44 2.72 3.83
C ARG A 36 4.24 2.00 2.76
N ARG A 37 4.82 2.74 1.84
CA ARG A 37 5.59 2.10 0.77
C ARG A 37 6.56 1.11 1.40
N GLN A 38 7.19 1.55 2.48
CA GLN A 38 8.13 0.71 3.19
C GLN A 38 7.40 -0.47 3.81
N MET A 39 6.24 -0.22 4.34
CA MET A 39 5.44 -1.26 4.95
C MET A 39 5.20 -2.36 3.94
N LEU A 40 4.54 -2.01 2.84
CA LEU A 40 4.26 -2.97 1.80
C LEU A 40 5.57 -3.63 1.35
N LEU A 41 6.49 -2.81 0.88
CA LEU A 41 7.78 -3.29 0.41
C LEU A 41 8.47 -4.13 1.45
N LYS A 42 8.26 -3.78 2.71
CA LYS A 42 8.88 -4.52 3.81
C LYS A 42 8.05 -5.74 4.14
N TYR A 43 6.80 -5.71 3.73
CA TYR A 43 5.89 -6.82 3.95
C TYR A 43 6.02 -7.84 2.84
N MET A 44 6.33 -7.37 1.65
CA MET A 44 6.47 -8.23 0.48
C MET A 44 7.92 -8.32 0.03
N GLY A 45 8.64 -7.23 0.21
CA GLY A 45 10.03 -7.19 -0.18
C GLY A 45 10.17 -6.89 -1.65
N GLY A 46 9.34 -5.97 -2.13
CA GLY A 46 9.38 -5.62 -3.53
C GLY A 46 8.07 -5.03 -3.99
N LEU A 47 8.10 -3.78 -4.43
CA LEU A 47 6.91 -3.11 -4.89
C LEU A 47 6.10 -4.00 -5.80
N GLN A 48 6.78 -4.75 -6.64
CA GLN A 48 6.09 -5.64 -7.54
C GLN A 48 5.05 -6.41 -6.77
N GLY A 49 5.48 -6.95 -5.63
CA GLY A 49 4.57 -7.72 -4.80
C GLY A 49 3.34 -6.92 -4.51
N LEU A 50 3.54 -5.62 -4.42
CA LEU A 50 2.48 -4.68 -4.15
C LEU A 50 1.76 -4.35 -5.45
N ARG A 51 2.50 -4.49 -6.52
CA ARG A 51 1.97 -4.22 -7.85
C ARG A 51 0.95 -5.27 -8.22
N ASN A 52 1.22 -6.49 -7.81
CA ASN A 52 0.30 -7.59 -8.04
C ASN A 52 -0.68 -7.65 -6.90
N ALA A 53 -0.16 -7.41 -5.70
CA ALA A 53 -0.99 -7.39 -4.52
C ALA A 53 -2.07 -6.33 -4.68
N SER A 54 -3.30 -6.71 -4.46
CA SER A 54 -4.38 -5.80 -4.59
C SER A 54 -4.88 -5.47 -3.20
N VAL A 55 -5.94 -4.73 -3.08
CA VAL A 55 -6.44 -4.39 -1.78
C VAL A 55 -6.44 -5.63 -0.93
N GLU A 56 -6.83 -6.72 -1.54
CA GLU A 56 -6.88 -7.99 -0.85
C GLU A 56 -5.58 -8.26 -0.12
N GLU A 57 -4.48 -8.14 -0.83
CA GLU A 57 -3.17 -8.39 -0.27
C GLU A 57 -2.68 -7.18 0.50
N ILE A 58 -2.72 -6.04 -0.16
CA ILE A 58 -2.29 -4.81 0.44
C ILE A 58 -2.98 -4.62 1.78
N ALA A 59 -4.16 -5.17 1.89
CA ALA A 59 -4.92 -5.08 3.13
C ALA A 59 -4.39 -6.06 4.17
N LYS A 60 -3.08 -6.28 4.15
CA LYS A 60 -2.43 -7.19 5.09
C LYS A 60 -1.30 -6.47 5.80
N VAL A 61 -1.43 -5.16 5.89
CA VAL A 61 -0.41 -4.33 6.50
C VAL A 61 -1.04 -3.47 7.60
N PRO A 62 -0.26 -2.56 8.20
CA PRO A 62 -0.74 -1.64 9.24
C PRO A 62 -2.10 -1.02 8.87
N GLY A 63 -2.37 0.21 9.31
CA GLY A 63 -3.61 0.85 8.95
C GLY A 63 -4.15 0.34 7.63
N ILE A 64 -3.24 0.00 6.73
CA ILE A 64 -3.62 -0.53 5.44
C ILE A 64 -4.48 -1.78 5.64
N SER A 65 -5.75 -1.55 5.88
CA SER A 65 -6.70 -2.62 6.11
C SER A 65 -7.65 -2.77 4.91
N GLN A 66 -7.97 -1.65 4.32
CA GLN A 66 -8.84 -1.61 3.16
C GLN A 66 -8.78 -0.23 2.57
N GLY A 67 -9.04 0.76 3.41
CA GLY A 67 -9.00 2.12 2.94
C GLY A 67 -7.67 2.40 2.27
N LEU A 68 -6.61 2.28 3.03
CA LEU A 68 -5.28 2.46 2.51
C LEU A 68 -5.05 1.43 1.42
N ALA A 69 -5.44 0.21 1.71
CA ALA A 69 -5.31 -0.87 0.76
C ALA A 69 -5.74 -0.41 -0.62
N GLU A 70 -6.87 0.28 -0.68
CA GLU A 70 -7.35 0.81 -1.95
C GLU A 70 -6.44 1.92 -2.39
N LYS A 71 -6.13 2.79 -1.43
CA LYS A 71 -5.24 3.91 -1.68
C LYS A 71 -3.97 3.45 -2.36
N ILE A 72 -3.52 2.29 -1.95
CA ILE A 72 -2.31 1.69 -2.48
C ILE A 72 -2.62 0.90 -3.76
N PHE A 73 -3.67 0.10 -3.68
CA PHE A 73 -4.07 -0.75 -4.79
C PHE A 73 -4.24 0.08 -6.06
N TRP A 74 -5.01 1.14 -5.95
CA TRP A 74 -5.28 2.01 -7.07
C TRP A 74 -4.00 2.60 -7.64
N SER A 75 -2.90 2.45 -6.90
CA SER A 75 -1.64 3.03 -7.32
C SER A 75 -0.87 2.22 -8.37
N LEU A 76 -0.16 1.19 -7.93
CA LEU A 76 0.67 0.40 -8.83
C LEU A 76 -0.09 -0.21 -9.99
N LYS A 77 -1.05 -1.08 -9.71
CA LYS A 77 -1.76 -1.76 -10.79
C LYS A 77 -3.24 -1.42 -10.84
N HIS A 78 -3.86 -1.11 -9.71
CA HIS A 78 -5.26 -0.79 -9.68
C HIS A 78 -6.02 -1.67 -10.68
N THR A 23 5.60 13.35 10.43
CA THR A 23 5.01 14.33 9.53
C THR A 23 3.50 14.39 9.73
N SER A 24 3.08 14.53 10.97
CA SER A 24 1.67 14.59 11.27
C SER A 24 0.93 13.50 10.49
N SER A 25 -0.36 13.68 10.30
CA SER A 25 -1.13 12.71 9.56
C SER A 25 -0.47 12.43 8.22
N LEU A 26 0.26 13.42 7.72
CA LEU A 26 0.92 13.30 6.44
C LEU A 26 1.89 12.12 6.42
N GLU A 27 2.34 11.71 7.58
CA GLU A 27 3.27 10.60 7.66
C GLU A 27 2.53 9.27 7.82
N THR A 28 1.22 9.34 7.99
CA THR A 28 0.42 8.14 8.16
C THR A 28 -0.83 8.20 7.29
N ILE A 29 -0.95 9.29 6.55
CA ILE A 29 -2.07 9.50 5.68
C ILE A 29 -2.29 8.33 4.76
N GLU A 30 -3.47 8.25 4.20
CA GLU A 30 -3.80 7.17 3.28
C GLU A 30 -2.89 7.26 2.07
N GLY A 31 -2.36 8.44 1.89
CA GLY A 31 -1.47 8.71 0.78
C GLY A 31 -0.07 8.97 1.25
N VAL A 32 0.30 8.27 2.30
CA VAL A 32 1.64 8.37 2.85
C VAL A 32 2.68 8.24 1.75
N GLY A 33 3.89 8.12 2.21
CA GLY A 33 5.05 8.00 1.36
C GLY A 33 6.27 7.84 2.22
N PRO A 34 6.36 8.63 3.32
CA PRO A 34 7.46 8.56 4.28
C PRO A 34 8.00 7.16 4.45
N LYS A 35 7.11 6.17 4.51
CA LYS A 35 7.50 4.76 4.65
C LYS A 35 6.30 3.87 4.88
N ARG A 36 5.27 4.44 5.47
CA ARG A 36 4.06 3.71 5.75
C ARG A 36 3.65 2.85 4.57
N ARG A 37 3.75 3.40 3.37
CA ARG A 37 3.40 2.65 2.17
C ARG A 37 4.48 1.61 1.93
N GLN A 38 5.71 2.01 2.19
CA GLN A 38 6.85 1.13 2.02
C GLN A 38 6.66 -0.12 2.86
N MET A 39 5.96 0.03 3.96
CA MET A 39 5.69 -1.10 4.82
C MET A 39 5.40 -2.28 3.92
N LEU A 40 4.68 -1.99 2.84
CA LEU A 40 4.33 -2.97 1.85
C LEU A 40 5.59 -3.61 1.31
N LEU A 41 6.49 -2.77 0.81
CA LEU A 41 7.75 -3.22 0.26
C LEU A 41 8.51 -4.01 1.30
N LYS A 42 8.39 -3.59 2.55
CA LYS A 42 9.03 -4.30 3.63
C LYS A 42 8.22 -5.53 3.97
N TYR A 43 6.97 -5.51 3.57
CA TYR A 43 6.05 -6.61 3.80
C TYR A 43 6.22 -7.69 2.73
N MET A 44 6.62 -7.26 1.54
CA MET A 44 6.79 -8.17 0.42
C MET A 44 8.24 -8.24 -0.04
N GLY A 45 8.87 -7.07 -0.11
CA GLY A 45 10.25 -7.00 -0.53
C GLY A 45 10.38 -6.70 -2.01
N GLY A 46 9.41 -5.99 -2.56
CA GLY A 46 9.44 -5.66 -3.96
C GLY A 46 8.12 -5.13 -4.45
N LEU A 47 8.12 -3.87 -4.89
CA LEU A 47 6.90 -3.24 -5.37
C LEU A 47 6.12 -4.21 -6.21
N GLN A 48 6.81 -4.89 -7.09
CA GLN A 48 6.17 -5.88 -7.96
C GLN A 48 5.23 -6.72 -7.12
N GLY A 49 5.74 -7.23 -6.00
CA GLY A 49 4.95 -8.05 -5.12
C GLY A 49 3.72 -7.30 -4.67
N LEU A 50 3.84 -5.98 -4.64
CA LEU A 50 2.75 -5.13 -4.25
C LEU A 50 1.80 -4.99 -5.43
N ARG A 51 2.37 -4.84 -6.60
CA ARG A 51 1.59 -4.74 -7.82
C ARG A 51 0.76 -6.00 -7.95
N ASN A 52 1.33 -7.07 -7.46
CA ASN A 52 0.67 -8.37 -7.46
C ASN A 52 -0.35 -8.38 -6.35
N ALA A 53 -0.11 -7.54 -5.36
CA ALA A 53 -0.98 -7.43 -4.21
C ALA A 53 -2.10 -6.44 -4.49
N SER A 54 -3.32 -6.90 -4.34
CA SER A 54 -4.45 -6.06 -4.57
C SER A 54 -5.00 -5.69 -3.21
N VAL A 55 -6.05 -4.92 -3.16
CA VAL A 55 -6.59 -4.53 -1.89
C VAL A 55 -6.63 -5.72 -0.97
N GLU A 56 -6.95 -6.85 -1.55
CA GLU A 56 -7.08 -8.10 -0.83
C GLU A 56 -5.77 -8.44 -0.14
N GLU A 57 -4.67 -8.24 -0.83
CA GLU A 57 -3.36 -8.53 -0.28
C GLU A 57 -2.83 -7.34 0.48
N ILE A 58 -2.89 -6.19 -0.15
CA ILE A 58 -2.41 -4.97 0.45
C ILE A 58 -3.06 -4.79 1.82
N ALA A 59 -4.29 -5.23 1.93
CA ALA A 59 -5.01 -5.11 3.19
C ALA A 59 -4.47 -6.10 4.21
N LYS A 60 -3.19 -6.45 4.09
CA LYS A 60 -2.60 -7.40 5.02
C LYS A 60 -1.52 -6.71 5.82
N VAL A 61 -1.50 -5.40 5.72
CA VAL A 61 -0.52 -4.60 6.42
C VAL A 61 -1.23 -3.83 7.53
N PRO A 62 -0.49 -3.06 8.31
CA PRO A 62 -1.01 -2.22 9.40
C PRO A 62 -2.33 -1.53 9.01
N GLY A 63 -2.60 -0.36 9.56
CA GLY A 63 -3.82 0.34 9.21
C GLY A 63 -4.27 0.03 7.78
N ILE A 64 -3.29 -0.27 6.94
CA ILE A 64 -3.53 -0.60 5.55
C ILE A 64 -4.49 -1.78 5.42
N SER A 65 -5.77 -1.47 5.40
CA SER A 65 -6.80 -2.48 5.27
C SER A 65 -7.69 -2.18 4.06
N GLN A 66 -8.34 -1.04 4.10
CA GLN A 66 -9.21 -0.63 3.01
C GLN A 66 -8.81 0.76 2.53
N GLY A 67 -8.79 1.70 3.44
CA GLY A 67 -8.42 3.05 3.06
C GLY A 67 -7.07 3.08 2.38
N LEU A 68 -6.05 2.69 3.12
CA LEU A 68 -4.70 2.65 2.61
C LEU A 68 -4.57 1.55 1.58
N ALA A 69 -5.06 0.38 1.93
CA ALA A 69 -5.00 -0.74 1.02
C ALA A 69 -5.42 -0.29 -0.37
N GLU A 70 -6.58 0.35 -0.45
CA GLU A 70 -7.07 0.84 -1.72
C GLU A 70 -6.09 1.88 -2.24
N LYS A 71 -5.66 2.75 -1.36
CA LYS A 71 -4.73 3.79 -1.70
C LYS A 71 -3.55 3.19 -2.45
N ILE A 72 -3.11 2.05 -1.96
CA ILE A 72 -2.00 1.34 -2.57
C ILE A 72 -2.47 0.65 -3.84
N PHE A 73 -3.62 0.04 -3.73
CA PHE A 73 -4.21 -0.67 -4.85
C PHE A 73 -4.21 0.23 -6.07
N TRP A 74 -4.86 1.37 -5.93
CA TRP A 74 -4.97 2.34 -7.02
C TRP A 74 -3.60 2.75 -7.52
N SER A 75 -2.58 2.47 -6.73
CA SER A 75 -1.21 2.84 -7.10
C SER A 75 -0.69 1.91 -8.19
N LEU A 76 -0.57 0.63 -7.89
CA LEU A 76 -0.07 -0.34 -8.86
C LEU A 76 -1.21 -1.13 -9.47
N LYS A 77 -2.22 -1.41 -8.65
CA LYS A 77 -3.38 -2.16 -9.10
C LYS A 77 -4.32 -1.27 -9.89
N HIS A 78 -3.78 -0.30 -10.59
CA HIS A 78 -4.59 0.61 -11.39
C HIS A 78 -3.71 1.65 -12.05
N THR A 23 -2.36 18.69 7.92
CA THR A 23 -2.43 19.33 6.61
C THR A 23 -1.81 18.44 5.55
N SER A 24 -1.59 17.19 5.91
CA SER A 24 -0.99 16.23 5.00
C SER A 24 -1.63 14.86 5.16
N SER A 25 -1.34 13.98 4.23
CA SER A 25 -1.87 12.62 4.27
C SER A 25 -0.99 11.70 3.45
N LEU A 26 0.28 12.06 3.37
CA LEU A 26 1.25 11.30 2.62
C LEU A 26 1.34 9.87 3.14
N GLU A 27 0.82 9.67 4.34
CA GLU A 27 0.83 8.36 4.98
C GLU A 27 -0.43 7.58 4.66
N THR A 28 -1.37 8.21 3.98
CA THR A 28 -2.62 7.54 3.65
C THR A 28 -3.08 7.88 2.23
N ILE A 29 -2.35 8.77 1.58
CA ILE A 29 -2.68 9.17 0.25
C ILE A 29 -2.61 8.00 -0.70
N GLU A 30 -3.47 8.01 -1.69
CA GLU A 30 -3.49 6.95 -2.68
C GLU A 30 -2.15 6.90 -3.39
N GLY A 31 -1.38 7.91 -3.08
CA GLY A 31 -0.06 8.05 -3.63
C GLY A 31 0.99 8.10 -2.55
N VAL A 32 0.76 7.34 -1.51
CA VAL A 32 1.70 7.26 -0.42
C VAL A 32 3.07 6.90 -0.95
N GLY A 33 3.94 6.48 -0.05
CA GLY A 33 5.29 6.13 -0.43
C GLY A 33 6.28 6.53 0.64
N PRO A 34 6.18 7.76 1.16
CA PRO A 34 7.06 8.28 2.20
C PRO A 34 7.50 7.20 3.18
N LYS A 35 6.71 6.14 3.25
CA LYS A 35 6.99 5.01 4.12
C LYS A 35 5.81 4.04 4.05
N ARG A 36 4.64 4.61 3.89
CA ARG A 36 3.42 3.87 3.79
C ARG A 36 3.57 2.71 2.83
N ARG A 37 3.88 3.03 1.59
CA ARG A 37 4.04 2.01 0.56
C ARG A 37 5.10 1.02 0.99
N GLN A 38 6.23 1.54 1.46
CA GLN A 38 7.31 0.69 1.91
C GLN A 38 6.76 -0.45 2.75
N MET A 39 5.77 -0.12 3.56
CA MET A 39 5.15 -1.12 4.41
C MET A 39 4.95 -2.38 3.61
N LEU A 40 4.37 -2.21 2.43
CA LEU A 40 4.13 -3.32 1.54
C LEU A 40 5.44 -3.98 1.23
N LEU A 41 6.42 -3.18 0.84
CA LEU A 41 7.75 -3.67 0.51
C LEU A 41 8.34 -4.47 1.65
N LYS A 42 8.07 -4.03 2.86
CA LYS A 42 8.56 -4.70 4.04
C LYS A 42 7.71 -5.92 4.34
N TYR A 43 6.47 -5.86 3.89
CA TYR A 43 5.55 -6.97 4.09
C TYR A 43 5.64 -8.00 2.98
N MET A 44 6.12 -7.59 1.82
CA MET A 44 6.26 -8.49 0.69
C MET A 44 7.72 -8.67 0.29
N GLY A 45 8.45 -7.57 0.31
CA GLY A 45 9.85 -7.61 -0.07
C GLY A 45 10.04 -7.35 -1.55
N GLY A 46 9.24 -6.45 -2.10
CA GLY A 46 9.34 -6.14 -3.51
C GLY A 46 8.15 -5.35 -4.01
N LEU A 47 8.39 -4.11 -4.39
CA LEU A 47 7.31 -3.26 -4.90
C LEU A 47 6.50 -4.02 -5.92
N GLN A 48 7.19 -4.85 -6.69
CA GLN A 48 6.53 -5.66 -7.68
C GLN A 48 5.42 -6.43 -7.01
N GLY A 49 5.76 -7.01 -5.87
CA GLY A 49 4.80 -7.77 -5.12
C GLY A 49 3.65 -6.89 -4.69
N LEU A 50 3.95 -5.62 -4.51
CA LEU A 50 2.95 -4.67 -4.10
C LEU A 50 2.03 -4.41 -5.29
N ARG A 51 2.62 -4.05 -6.41
CA ARG A 51 1.84 -3.81 -7.61
C ARG A 51 1.01 -5.04 -7.88
N ASN A 52 1.59 -6.19 -7.55
CA ASN A 52 0.92 -7.47 -7.73
C ASN A 52 -0.06 -7.69 -6.61
N ALA A 53 0.25 -7.12 -5.46
CA ALA A 53 -0.61 -7.24 -4.31
C ALA A 53 -1.89 -6.49 -4.58
N SER A 54 -3.00 -7.01 -4.11
CA SER A 54 -4.26 -6.34 -4.30
C SER A 54 -4.75 -5.89 -2.95
N VAL A 55 -5.89 -5.26 -2.92
CA VAL A 55 -6.42 -4.78 -1.66
C VAL A 55 -6.25 -5.85 -0.61
N GLU A 56 -6.51 -7.08 -1.03
CA GLU A 56 -6.42 -8.23 -0.16
C GLU A 56 -5.05 -8.31 0.49
N GLU A 57 -4.01 -8.11 -0.31
CA GLU A 57 -2.64 -8.17 0.18
C GLU A 57 -2.29 -6.85 0.83
N ILE A 58 -2.52 -5.80 0.07
CA ILE A 58 -2.25 -4.46 0.52
C ILE A 58 -2.99 -4.19 1.81
N ALA A 59 -4.05 -4.92 2.03
CA ALA A 59 -4.84 -4.78 3.23
C ALA A 59 -4.31 -5.65 4.35
N LYS A 60 -3.12 -6.20 4.14
CA LYS A 60 -2.50 -7.08 5.12
C LYS A 60 -1.22 -6.44 5.62
N VAL A 61 -1.26 -5.13 5.65
CA VAL A 61 -0.14 -4.34 6.10
C VAL A 61 -0.57 -3.45 7.26
N PRO A 62 0.36 -2.68 7.82
CA PRO A 62 0.12 -1.78 8.95
C PRO A 62 -1.15 -0.96 8.80
N GLY A 63 -2.24 -1.46 9.35
CA GLY A 63 -3.49 -0.74 9.27
C GLY A 63 -4.04 -0.70 7.86
N ILE A 64 -3.15 -0.78 6.89
CA ILE A 64 -3.53 -0.75 5.51
C ILE A 64 -4.58 -1.78 5.21
N SER A 65 -5.76 -1.28 4.93
CA SER A 65 -6.88 -2.07 4.57
C SER A 65 -7.73 -1.17 3.73
N GLN A 66 -8.73 -1.72 3.08
CA GLN A 66 -9.62 -0.94 2.24
C GLN A 66 -9.24 0.54 2.19
N GLY A 67 -9.24 1.18 3.34
CA GLY A 67 -8.90 2.59 3.39
C GLY A 67 -7.53 2.83 2.79
N LEU A 68 -6.52 2.25 3.39
CA LEU A 68 -5.17 2.39 2.90
C LEU A 68 -4.96 1.40 1.78
N ALA A 69 -5.43 0.19 2.00
CA ALA A 69 -5.32 -0.85 1.00
C ALA A 69 -5.74 -0.32 -0.36
N GLU A 70 -6.98 0.12 -0.46
CA GLU A 70 -7.47 0.65 -1.73
C GLU A 70 -6.57 1.80 -2.15
N LYS A 71 -6.33 2.70 -1.22
CA LYS A 71 -5.47 3.84 -1.46
C LYS A 71 -4.20 3.39 -2.18
N ILE A 72 -3.65 2.30 -1.71
CA ILE A 72 -2.44 1.74 -2.30
C ILE A 72 -2.79 1.00 -3.58
N PHE A 73 -3.95 0.38 -3.57
CA PHE A 73 -4.40 -0.36 -4.74
C PHE A 73 -4.48 0.60 -5.91
N TRP A 74 -4.84 1.83 -5.61
CA TRP A 74 -4.95 2.87 -6.62
C TRP A 74 -3.55 3.36 -6.98
N SER A 75 -2.58 2.98 -6.16
CA SER A 75 -1.20 3.38 -6.38
C SER A 75 -0.60 2.64 -7.58
N LEU A 76 -0.24 1.39 -7.38
CA LEU A 76 0.38 0.59 -8.44
C LEU A 76 -0.64 -0.17 -9.26
N LYS A 77 -1.39 -1.04 -8.59
CA LYS A 77 -2.35 -1.89 -9.23
C LYS A 77 -2.79 -1.36 -10.58
N HIS A 78 -3.50 -0.25 -10.57
CA HIS A 78 -4.00 0.32 -11.81
C HIS A 78 -3.85 1.83 -11.79
N THR A 23 -9.68 0.24 11.00
CA THR A 23 -8.52 -0.15 10.23
C THR A 23 -8.43 0.65 8.93
N SER A 24 -8.65 1.95 9.02
CA SER A 24 -8.60 2.82 7.87
C SER A 24 -7.20 3.38 7.64
N SER A 25 -6.35 3.29 8.67
CA SER A 25 -4.99 3.77 8.59
C SER A 25 -4.95 5.29 8.61
N LEU A 26 -4.57 5.87 9.75
CA LEU A 26 -4.51 7.32 9.86
C LEU A 26 -3.30 7.77 10.66
N GLU A 27 -2.40 6.84 10.97
CA GLU A 27 -1.19 7.17 11.72
C GLU A 27 -0.46 8.30 11.00
N THR A 28 -0.05 8.01 9.77
CA THR A 28 0.62 8.96 8.93
C THR A 28 -0.12 9.05 7.61
N ILE A 29 -1.13 8.20 7.49
CA ILE A 29 -1.97 8.15 6.31
C ILE A 29 -2.54 9.53 6.04
N GLU A 30 -3.35 9.70 5.01
CA GLU A 30 -3.86 11.02 4.69
C GLU A 30 -2.67 11.95 4.78
N GLY A 31 -1.74 11.72 3.86
CA GLY A 31 -0.49 12.44 3.81
C GLY A 31 0.66 11.48 3.91
N VAL A 32 0.31 10.21 4.01
CA VAL A 32 1.29 9.16 4.07
C VAL A 32 2.17 9.24 2.84
N GLY A 33 3.30 8.59 2.94
CA GLY A 33 4.26 8.61 1.87
C GLY A 33 5.66 8.25 2.35
N PRO A 34 6.04 8.67 3.57
CA PRO A 34 7.38 8.40 4.12
C PRO A 34 7.79 6.93 3.97
N LYS A 35 7.27 6.07 4.83
CA LYS A 35 7.63 4.66 4.79
C LYS A 35 6.39 3.77 4.75
N ARG A 36 5.23 4.37 4.97
CA ARG A 36 3.98 3.66 4.99
C ARG A 36 3.89 2.70 3.83
N ARG A 37 3.98 3.25 2.64
CA ARG A 37 3.91 2.46 1.43
C ARG A 37 5.10 1.53 1.40
N GLN A 38 6.22 1.98 1.97
CA GLN A 38 7.40 1.16 2.03
C GLN A 38 7.12 -0.08 2.84
N MET A 39 6.38 0.09 3.92
CA MET A 39 6.04 -1.04 4.76
C MET A 39 5.66 -2.18 3.86
N LEU A 40 4.76 -1.90 2.94
CA LEU A 40 4.35 -2.89 1.97
C LEU A 40 5.59 -3.54 1.38
N LEU A 41 6.47 -2.70 0.88
CA LEU A 41 7.72 -3.14 0.28
C LEU A 41 8.53 -3.95 1.27
N LYS A 42 8.50 -3.54 2.51
CA LYS A 42 9.22 -4.23 3.56
C LYS A 42 8.46 -5.47 3.97
N TYR A 43 7.18 -5.48 3.64
CA TYR A 43 6.31 -6.58 3.97
C TYR A 43 6.40 -7.67 2.91
N MET A 44 6.66 -7.25 1.68
CA MET A 44 6.77 -8.18 0.56
C MET A 44 8.20 -8.27 0.04
N GLY A 45 8.86 -7.13 -0.01
CA GLY A 45 10.23 -7.09 -0.50
C GLY A 45 10.30 -6.76 -1.97
N GLY A 46 9.49 -5.80 -2.40
CA GLY A 46 9.49 -5.42 -3.79
C GLY A 46 8.13 -4.93 -4.24
N LEU A 47 8.07 -3.68 -4.65
CA LEU A 47 6.82 -3.09 -5.10
C LEU A 47 6.10 -4.03 -6.04
N GLN A 48 6.86 -4.70 -6.89
CA GLN A 48 6.27 -5.64 -7.82
C GLN A 48 5.33 -6.54 -7.06
N GLY A 49 5.81 -7.03 -5.92
CA GLY A 49 5.01 -7.92 -5.11
C GLY A 49 3.73 -7.25 -4.67
N LEU A 50 3.78 -5.94 -4.68
CA LEU A 50 2.63 -5.13 -4.30
C LEU A 50 1.75 -4.94 -5.52
N ARG A 51 2.39 -4.79 -6.65
CA ARG A 51 1.68 -4.60 -7.91
C ARG A 51 0.74 -5.76 -8.16
N ASN A 52 1.17 -6.95 -7.77
CA ASN A 52 0.35 -8.14 -7.93
C ASN A 52 -0.51 -8.36 -6.70
N ALA A 53 -0.40 -7.44 -5.76
CA ALA A 53 -1.16 -7.51 -4.52
C ALA A 53 -2.28 -6.47 -4.55
N SER A 54 -3.51 -6.94 -4.46
CA SER A 54 -4.63 -6.06 -4.48
C SER A 54 -5.03 -5.77 -3.05
N VAL A 55 -6.11 -5.05 -2.87
CA VAL A 55 -6.57 -4.70 -1.56
C VAL A 55 -6.66 -5.95 -0.68
N GLU A 56 -6.91 -7.07 -1.32
CA GLU A 56 -7.04 -8.33 -0.62
C GLU A 56 -5.75 -8.67 0.08
N GLU A 57 -4.65 -8.35 -0.58
CA GLU A 57 -3.34 -8.59 -0.04
C GLU A 57 -2.89 -7.40 0.78
N ILE A 58 -3.03 -6.24 0.16
CA ILE A 58 -2.64 -5.00 0.76
C ILE A 58 -3.37 -4.76 2.06
N ALA A 59 -4.58 -5.26 2.15
CA ALA A 59 -5.38 -5.08 3.35
C ALA A 59 -4.89 -6.02 4.46
N LYS A 60 -3.62 -6.40 4.40
CA LYS A 60 -3.04 -7.29 5.39
C LYS A 60 -1.77 -6.67 5.93
N VAL A 61 -1.81 -5.36 6.06
CA VAL A 61 -0.66 -4.64 6.57
C VAL A 61 -1.10 -3.62 7.63
N PRO A 62 -0.15 -2.92 8.25
CA PRO A 62 -0.40 -1.94 9.32
C PRO A 62 -1.60 -1.05 9.05
N GLY A 63 -2.75 -1.45 9.55
CA GLY A 63 -3.94 -0.65 9.37
C GLY A 63 -4.37 -0.61 7.93
N ILE A 64 -3.42 -0.84 7.04
CA ILE A 64 -3.67 -0.83 5.63
C ILE A 64 -4.78 -1.78 5.27
N SER A 65 -5.92 -1.18 5.04
CA SER A 65 -7.09 -1.88 4.61
C SER A 65 -7.82 -0.91 3.72
N GLN A 66 -8.88 -1.34 3.09
CA GLN A 66 -9.67 -0.48 2.23
C GLN A 66 -9.11 0.94 2.15
N GLY A 67 -9.01 1.61 3.29
CA GLY A 67 -8.49 2.95 3.30
C GLY A 67 -7.12 3.03 2.67
N LEU A 68 -6.16 2.32 3.25
CA LEU A 68 -4.81 2.30 2.75
C LEU A 68 -4.71 1.26 1.65
N ALA A 69 -5.32 0.12 1.91
CA ALA A 69 -5.31 -0.98 0.96
C ALA A 69 -5.61 -0.46 -0.43
N GLU A 70 -6.70 0.29 -0.54
CA GLU A 70 -7.07 0.86 -1.81
C GLU A 70 -6.03 1.87 -2.25
N LYS A 71 -5.65 2.73 -1.32
CA LYS A 71 -4.65 3.74 -1.57
C LYS A 71 -3.46 3.12 -2.29
N ILE A 72 -3.05 1.97 -1.79
CA ILE A 72 -1.95 1.24 -2.38
C ILE A 72 -2.39 0.59 -3.69
N PHE A 73 -3.59 0.04 -3.67
CA PHE A 73 -4.14 -0.59 -4.84
C PHE A 73 -4.03 0.35 -6.04
N TRP A 74 -4.51 1.58 -5.84
CA TRP A 74 -4.47 2.59 -6.88
C TRP A 74 -3.03 2.92 -7.25
N SER A 75 -2.11 2.51 -6.40
CA SER A 75 -0.70 2.78 -6.62
C SER A 75 -0.11 1.88 -7.72
N LEU A 76 -0.58 0.64 -7.80
CA LEU A 76 -0.10 -0.28 -8.82
C LEU A 76 -1.22 -1.11 -9.43
N LYS A 77 -2.15 -1.53 -8.59
CA LYS A 77 -3.24 -2.37 -9.05
C LYS A 77 -4.08 -1.70 -10.11
N HIS A 78 -4.14 -0.37 -10.08
CA HIS A 78 -4.91 0.36 -11.07
C HIS A 78 -4.49 1.81 -11.12
N THR A 23 2.84 12.26 14.87
CA THR A 23 1.71 12.75 15.62
C THR A 23 0.53 13.05 14.70
N SER A 24 0.72 12.80 13.42
CA SER A 24 -0.31 13.04 12.43
C SER A 24 -0.58 11.78 11.62
N SER A 25 -1.43 11.91 10.61
CA SER A 25 -1.79 10.78 9.75
C SER A 25 -0.61 10.30 8.92
N LEU A 26 0.61 10.58 9.36
CA LEU A 26 1.80 10.19 8.62
C LEU A 26 1.72 8.71 8.21
N GLU A 27 0.94 7.95 8.93
CA GLU A 27 0.80 6.53 8.65
C GLU A 27 -0.40 6.24 7.75
N THR A 28 -1.34 7.17 7.71
CA THR A 28 -2.54 6.97 6.92
C THR A 28 -2.76 8.14 5.98
N ILE A 29 -1.70 8.89 5.75
CA ILE A 29 -1.75 10.03 4.85
C ILE A 29 -2.33 9.59 3.52
N GLU A 30 -2.66 10.54 2.68
CA GLU A 30 -3.18 10.23 1.37
C GLU A 30 -2.30 9.16 0.72
N GLY A 31 -2.70 7.91 0.87
CA GLY A 31 -1.92 6.82 0.32
C GLY A 31 -0.48 6.91 0.77
N VAL A 32 -0.29 7.54 1.92
CA VAL A 32 1.01 7.72 2.48
C VAL A 32 2.05 7.88 1.38
N GLY A 33 3.22 7.29 1.60
CA GLY A 33 4.29 7.40 0.64
C GLY A 33 5.59 7.65 1.37
N PRO A 34 5.58 8.42 2.45
CA PRO A 34 6.77 8.71 3.24
C PRO A 34 7.46 7.43 3.68
N LYS A 35 6.67 6.49 4.20
CA LYS A 35 7.23 5.23 4.67
C LYS A 35 6.19 4.12 4.74
N ARG A 36 4.98 4.45 5.13
CA ARG A 36 3.93 3.45 5.23
C ARG A 36 3.91 2.56 3.99
N ARG A 37 3.78 3.19 2.84
CA ARG A 37 3.73 2.46 1.59
C ARG A 37 4.99 1.63 1.43
N GLN A 38 6.06 2.11 2.02
CA GLN A 38 7.33 1.41 1.97
C GLN A 38 7.22 0.09 2.73
N MET A 39 6.52 0.13 3.84
CA MET A 39 6.34 -1.06 4.66
C MET A 39 5.95 -2.22 3.75
N LEU A 40 4.84 -2.06 3.07
CA LEU A 40 4.35 -3.07 2.16
C LEU A 40 5.49 -3.57 1.31
N LEU A 41 6.27 -2.63 0.82
CA LEU A 41 7.40 -2.96 -0.02
C LEU A 41 8.34 -3.87 0.73
N LYS A 42 8.64 -3.47 1.95
CA LYS A 42 9.52 -4.23 2.80
C LYS A 42 8.84 -5.50 3.26
N TYR A 43 7.54 -5.46 3.19
CA TYR A 43 6.69 -6.55 3.62
C TYR A 43 6.63 -7.63 2.56
N MET A 44 6.64 -7.21 1.31
CA MET A 44 6.62 -8.16 0.21
C MET A 44 8.04 -8.39 -0.28
N GLY A 45 8.80 -7.32 -0.27
CA GLY A 45 10.17 -7.34 -0.73
C GLY A 45 10.26 -6.99 -2.19
N GLY A 46 9.52 -5.97 -2.60
CA GLY A 46 9.56 -5.56 -3.97
C GLY A 46 8.25 -4.98 -4.44
N LEU A 47 8.32 -3.81 -5.04
CA LEU A 47 7.12 -3.16 -5.52
C LEU A 47 6.33 -4.05 -6.46
N GLN A 48 6.92 -4.41 -7.58
CA GLN A 48 6.22 -5.26 -8.55
C GLN A 48 5.46 -6.36 -7.82
N GLY A 49 6.19 -7.18 -7.09
CA GLY A 49 5.55 -8.24 -6.36
C GLY A 49 4.46 -7.68 -5.48
N LEU A 50 4.71 -6.54 -4.89
CA LEU A 50 3.75 -5.89 -4.03
C LEU A 50 2.52 -5.57 -4.87
N ARG A 51 2.78 -5.17 -6.10
CA ARG A 51 1.72 -4.82 -7.03
C ARG A 51 0.87 -6.03 -7.29
N ASN A 52 1.47 -7.19 -7.15
CA ASN A 52 0.73 -8.42 -7.33
C ASN A 52 -0.38 -8.44 -6.31
N ALA A 53 -0.12 -7.76 -5.21
CA ALA A 53 -1.08 -7.68 -4.12
C ALA A 53 -2.05 -6.55 -4.36
N SER A 54 -3.32 -6.87 -4.31
CA SER A 54 -4.36 -5.89 -4.47
C SER A 54 -4.92 -5.58 -3.10
N VAL A 55 -5.94 -4.76 -3.03
CA VAL A 55 -6.52 -4.41 -1.75
C VAL A 55 -6.61 -5.65 -0.89
N GLU A 56 -7.07 -6.71 -1.50
CA GLU A 56 -7.24 -7.98 -0.84
C GLU A 56 -6.03 -8.35 0.01
N GLU A 57 -4.85 -8.26 -0.58
CA GLU A 57 -3.63 -8.58 0.12
C GLU A 57 -3.11 -7.39 0.89
N ILE A 58 -3.08 -6.25 0.22
CA ILE A 58 -2.61 -5.04 0.84
C ILE A 58 -3.34 -4.81 2.14
N ALA A 59 -4.58 -5.26 2.18
CA ALA A 59 -5.39 -5.11 3.38
C ALA A 59 -4.97 -6.13 4.43
N LYS A 60 -3.68 -6.44 4.46
CA LYS A 60 -3.16 -7.39 5.42
C LYS A 60 -2.04 -6.75 6.22
N VAL A 61 -1.98 -5.42 6.15
CA VAL A 61 -0.97 -4.68 6.83
C VAL A 61 -1.64 -3.87 7.93
N PRO A 62 -0.92 -2.96 8.61
CA PRO A 62 -1.48 -2.13 9.67
C PRO A 62 -2.80 -1.49 9.22
N GLY A 63 -3.16 -0.37 9.83
CA GLY A 63 -4.38 0.31 9.43
C GLY A 63 -4.69 0.13 7.95
N ILE A 64 -3.68 -0.20 7.16
CA ILE A 64 -3.85 -0.42 5.75
C ILE A 64 -4.94 -1.42 5.46
N SER A 65 -6.12 -0.92 5.30
CA SER A 65 -7.24 -1.71 4.95
C SER A 65 -7.92 -0.96 3.87
N GLN A 66 -8.91 -1.53 3.26
CA GLN A 66 -9.67 -0.84 2.24
C GLN A 66 -9.21 0.61 2.12
N GLY A 67 -9.27 1.34 3.23
CA GLY A 67 -8.88 2.74 3.22
C GLY A 67 -7.50 2.94 2.62
N LEU A 68 -6.50 2.37 3.25
CA LEU A 68 -5.12 2.48 2.78
C LEU A 68 -4.90 1.42 1.72
N ALA A 69 -5.40 0.23 1.99
CA ALA A 69 -5.29 -0.87 1.06
C ALA A 69 -5.60 -0.37 -0.33
N GLU A 70 -6.65 0.42 -0.44
CA GLU A 70 -7.03 0.99 -1.71
C GLU A 70 -5.95 1.98 -2.13
N LYS A 71 -5.60 2.85 -1.20
CA LYS A 71 -4.58 3.85 -1.43
C LYS A 71 -3.38 3.19 -2.11
N ILE A 72 -2.98 2.07 -1.55
CA ILE A 72 -1.85 1.32 -2.07
C ILE A 72 -2.22 0.65 -3.38
N PHE A 73 -3.38 0.01 -3.39
CA PHE A 73 -3.87 -0.69 -4.55
C PHE A 73 -3.87 0.23 -5.77
N TRP A 74 -4.38 1.43 -5.56
CA TRP A 74 -4.47 2.45 -6.60
C TRP A 74 -3.11 2.86 -7.12
N SER A 75 -2.07 2.50 -6.39
CA SER A 75 -0.72 2.87 -6.79
C SER A 75 0.04 1.68 -7.36
N LEU A 76 -0.20 0.52 -6.81
CA LEU A 76 0.46 -0.67 -7.24
C LEU A 76 0.13 -1.10 -8.65
N LYS A 77 -0.93 -1.88 -8.72
CA LYS A 77 -1.36 -2.53 -9.93
C LYS A 77 -2.82 -2.23 -10.25
N HIS A 78 -3.55 -1.76 -9.26
CA HIS A 78 -4.97 -1.47 -9.44
C HIS A 78 -5.70 -2.67 -10.02
N THR A 23 0.84 14.54 -8.90
CA THR A 23 0.76 14.54 -7.45
C THR A 23 -0.48 13.78 -6.97
N SER A 24 -1.24 13.28 -7.92
CA SER A 24 -2.44 12.52 -7.60
C SER A 24 -2.24 11.73 -6.33
N SER A 25 -3.20 11.82 -5.42
CA SER A 25 -3.13 11.13 -4.15
C SER A 25 -2.89 9.63 -4.36
N LEU A 26 -1.65 9.28 -4.64
CA LEU A 26 -1.28 7.90 -4.86
C LEU A 26 -0.04 7.54 -4.07
N GLU A 27 1.03 8.27 -4.31
CA GLU A 27 2.29 8.03 -3.62
C GLU A 27 2.45 8.99 -2.45
N THR A 28 1.51 9.91 -2.33
CA THR A 28 1.51 10.89 -1.27
C THR A 28 0.09 11.07 -0.75
N ILE A 29 -0.67 10.01 -0.86
CA ILE A 29 -2.07 10.02 -0.44
C ILE A 29 -2.20 10.47 1.02
N GLU A 30 -3.43 10.71 1.44
CA GLU A 30 -3.71 11.15 2.79
C GLU A 30 -3.55 10.02 3.81
N GLY A 31 -2.49 9.24 3.67
CA GLY A 31 -2.24 8.17 4.61
C GLY A 31 -1.04 7.39 4.19
N VAL A 32 -0.92 7.24 2.89
CA VAL A 32 0.20 6.56 2.32
C VAL A 32 1.02 7.54 1.50
N GLY A 33 2.31 7.44 1.65
CA GLY A 33 3.22 8.31 0.95
C GLY A 33 4.55 8.38 1.66
N PRO A 34 4.52 8.48 3.00
CA PRO A 34 5.73 8.55 3.80
C PRO A 34 6.53 7.25 3.70
N LYS A 35 6.31 6.37 4.65
CA LYS A 35 6.97 5.08 4.69
C LYS A 35 5.92 3.99 4.52
N ARG A 36 4.68 4.43 4.53
CA ARG A 36 3.53 3.56 4.41
C ARG A 36 3.71 2.53 3.31
N ARG A 37 3.89 2.99 2.10
CA ARG A 37 4.07 2.08 0.98
C ARG A 37 5.28 1.21 1.26
N GLN A 38 6.37 1.86 1.61
CA GLN A 38 7.58 1.14 1.93
C GLN A 38 7.25 -0.03 2.82
N MET A 39 6.37 0.19 3.78
CA MET A 39 5.99 -0.88 4.67
C MET A 39 5.74 -2.13 3.84
N LEU A 40 4.81 -2.01 2.91
CA LEU A 40 4.51 -3.11 2.03
C LEU A 40 5.79 -3.68 1.48
N LEU A 41 6.53 -2.83 0.79
CA LEU A 41 7.77 -3.23 0.14
C LEU A 41 8.73 -3.90 1.11
N LYS A 42 8.77 -3.43 2.33
CA LYS A 42 9.60 -4.06 3.35
C LYS A 42 8.94 -5.34 3.81
N TYR A 43 7.64 -5.37 3.63
CA TYR A 43 6.82 -6.52 4.01
C TYR A 43 6.82 -7.60 2.93
N MET A 44 6.89 -7.17 1.68
CA MET A 44 6.90 -8.08 0.54
C MET A 44 8.28 -8.19 -0.07
N GLY A 45 9.04 -7.12 0.06
CA GLY A 45 10.39 -7.10 -0.45
C GLY A 45 10.45 -6.81 -1.94
N GLY A 46 9.46 -6.10 -2.44
CA GLY A 46 9.46 -5.76 -3.83
C GLY A 46 8.11 -5.31 -4.31
N LEU A 47 8.07 -4.15 -4.90
CA LEU A 47 6.83 -3.61 -5.42
C LEU A 47 6.14 -4.65 -6.26
N GLN A 48 6.93 -5.51 -6.84
CA GLN A 48 6.40 -6.58 -7.66
C GLN A 48 5.26 -7.24 -6.90
N GLY A 49 5.49 -7.47 -5.62
CA GLY A 49 4.50 -8.10 -4.79
C GLY A 49 3.39 -7.16 -4.43
N LEU A 50 3.67 -5.88 -4.55
CA LEU A 50 2.69 -4.87 -4.22
C LEU A 50 1.74 -4.68 -5.39
N ARG A 51 2.31 -4.49 -6.56
CA ARG A 51 1.54 -4.34 -7.76
C ARG A 51 0.82 -5.64 -8.02
N ASN A 52 1.34 -6.68 -7.39
CA ASN A 52 0.75 -8.01 -7.47
C ASN A 52 -0.18 -8.19 -6.28
N ALA A 53 -0.14 -7.20 -5.41
CA ALA A 53 -0.95 -7.20 -4.20
C ALA A 53 -1.98 -6.08 -4.27
N SER A 54 -3.22 -6.44 -4.53
CA SER A 54 -4.26 -5.47 -4.59
C SER A 54 -4.81 -5.28 -3.19
N VAL A 55 -5.92 -4.58 -3.08
CA VAL A 55 -6.50 -4.34 -1.78
C VAL A 55 -6.48 -5.62 -0.95
N GLU A 56 -6.80 -6.72 -1.61
CA GLU A 56 -6.84 -8.02 -0.97
C GLU A 56 -5.57 -8.32 -0.21
N GLU A 57 -4.45 -8.25 -0.91
CA GLU A 57 -3.16 -8.55 -0.32
C GLU A 57 -2.68 -7.39 0.51
N ILE A 58 -2.77 -6.21 -0.07
CA ILE A 58 -2.36 -5.01 0.63
C ILE A 58 -3.10 -4.93 1.94
N ALA A 59 -4.30 -5.47 1.96
CA ALA A 59 -5.11 -5.46 3.16
C ALA A 59 -4.60 -6.47 4.17
N LYS A 60 -3.30 -6.72 4.16
CA LYS A 60 -2.70 -7.68 5.08
C LYS A 60 -1.63 -7.00 5.90
N VAL A 61 -1.79 -5.70 6.02
CA VAL A 61 -0.85 -4.88 6.77
C VAL A 61 -1.62 -4.08 7.81
N PRO A 62 -0.93 -3.25 8.60
CA PRO A 62 -1.52 -2.40 9.63
C PRO A 62 -2.82 -1.74 9.17
N GLY A 63 -3.14 -0.55 9.71
CA GLY A 63 -4.34 0.14 9.31
C GLY A 63 -4.69 -0.11 7.85
N ILE A 64 -3.68 -0.45 7.07
CA ILE A 64 -3.88 -0.74 5.66
C ILE A 64 -4.93 -1.81 5.48
N SER A 65 -6.18 -1.41 5.48
CA SER A 65 -7.28 -2.32 5.31
C SER A 65 -7.95 -2.06 3.98
N GLN A 66 -8.65 -0.94 3.94
CA GLN A 66 -9.33 -0.51 2.75
C GLN A 66 -8.88 0.90 2.45
N GLY A 67 -9.05 1.75 3.43
CA GLY A 67 -8.64 3.13 3.28
C GLY A 67 -7.25 3.22 2.72
N LEU A 68 -6.32 2.48 3.31
CA LEU A 68 -4.95 2.49 2.87
C LEU A 68 -4.76 1.49 1.75
N ALA A 69 -5.25 0.28 1.97
CA ALA A 69 -5.13 -0.77 0.97
C ALA A 69 -5.52 -0.23 -0.38
N GLU A 70 -6.77 0.18 -0.50
CA GLU A 70 -7.27 0.74 -1.75
C GLU A 70 -6.32 1.80 -2.24
N LYS A 71 -5.99 2.71 -1.34
CA LYS A 71 -5.09 3.81 -1.63
C LYS A 71 -3.81 3.30 -2.25
N ILE A 72 -3.32 2.19 -1.71
CA ILE A 72 -2.11 1.57 -2.22
C ILE A 72 -2.42 0.87 -3.52
N PHE A 73 -3.61 0.33 -3.58
CA PHE A 73 -4.07 -0.39 -4.75
C PHE A 73 -4.11 0.52 -5.97
N TRP A 74 -4.76 1.66 -5.84
CA TRP A 74 -4.90 2.62 -6.93
C TRP A 74 -3.55 2.98 -7.55
N SER A 75 -2.61 3.39 -6.72
CA SER A 75 -1.30 3.80 -7.19
C SER A 75 -0.70 2.80 -8.17
N LEU A 76 -1.01 1.53 -8.00
CA LEU A 76 -0.48 0.50 -8.86
C LEU A 76 -1.58 -0.16 -9.69
N LYS A 77 -2.51 -0.79 -8.98
CA LYS A 77 -3.62 -1.49 -9.60
C LYS A 77 -4.69 -0.55 -10.11
N HIS A 78 -4.30 0.52 -10.77
CA HIS A 78 -5.27 1.47 -11.32
C HIS A 78 -4.56 2.72 -11.84
N THR A 23 -8.94 9.59 -4.51
CA THR A 23 -8.37 10.93 -4.42
C THR A 23 -7.74 11.13 -3.04
N SER A 24 -7.72 10.07 -2.26
CA SER A 24 -7.16 10.11 -0.93
C SER A 24 -5.66 10.43 -1.01
N SER A 25 -5.07 10.74 0.14
CA SER A 25 -3.65 11.06 0.18
C SER A 25 -2.94 10.19 1.21
N LEU A 26 -3.49 9.01 1.42
CA LEU A 26 -2.94 8.07 2.40
C LEU A 26 -1.46 7.81 2.16
N GLU A 27 -0.95 8.21 1.01
CA GLU A 27 0.47 8.03 0.71
C GLU A 27 1.19 9.35 0.92
N THR A 28 0.43 10.42 0.82
CA THR A 28 0.95 11.76 0.98
C THR A 28 0.73 12.26 2.40
N ILE A 29 0.28 11.38 3.28
CA ILE A 29 0.06 11.76 4.66
C ILE A 29 1.33 12.39 5.22
N GLU A 30 1.22 13.02 6.39
CA GLU A 30 2.33 13.71 7.02
C GLU A 30 3.62 12.88 7.11
N GLY A 31 3.58 11.67 6.65
CA GLY A 31 4.77 10.83 6.71
C GLY A 31 4.38 9.40 6.62
N VAL A 32 3.58 9.12 5.63
CA VAL A 32 3.08 7.80 5.41
C VAL A 32 3.90 7.04 4.35
N GLY A 33 3.84 7.51 3.12
CA GLY A 33 4.59 6.88 2.06
C GLY A 33 6.03 6.64 2.46
N PRO A 34 6.64 7.60 3.18
CA PRO A 34 8.03 7.51 3.63
C PRO A 34 8.42 6.10 4.06
N LYS A 35 7.45 5.36 4.56
CA LYS A 35 7.74 4.01 5.02
C LYS A 35 6.45 3.21 5.13
N ARG A 36 5.41 3.86 5.58
CA ARG A 36 4.14 3.20 5.75
C ARG A 36 3.74 2.47 4.49
N ARG A 37 3.64 3.21 3.40
CA ARG A 37 3.27 2.61 2.13
C ARG A 37 4.32 1.58 1.77
N GLN A 38 5.57 1.96 1.96
CA GLN A 38 6.69 1.09 1.68
C GLN A 38 6.54 -0.21 2.45
N MET A 39 5.92 -0.13 3.62
CA MET A 39 5.74 -1.31 4.44
C MET A 39 5.35 -2.45 3.55
N LEU A 40 4.42 -2.20 2.63
CA LEU A 40 4.02 -3.22 1.70
C LEU A 40 5.28 -3.77 1.05
N LEU A 41 6.04 -2.87 0.45
CA LEU A 41 7.28 -3.25 -0.21
C LEU A 41 8.15 -4.02 0.75
N LYS A 42 8.10 -3.64 2.02
CA LYS A 42 8.88 -4.33 3.05
C LYS A 42 8.20 -5.63 3.43
N TYR A 43 6.90 -5.71 3.16
CA TYR A 43 6.10 -6.88 3.47
C TYR A 43 6.28 -7.94 2.37
N MET A 44 6.39 -7.47 1.14
CA MET A 44 6.58 -8.34 0.01
C MET A 44 8.03 -8.37 -0.43
N GLY A 45 8.67 -7.22 -0.38
CA GLY A 45 10.06 -7.12 -0.76
C GLY A 45 10.23 -6.81 -2.22
N GLY A 46 9.38 -5.96 -2.75
CA GLY A 46 9.46 -5.61 -4.14
C GLY A 46 8.16 -5.06 -4.64
N LEU A 47 8.19 -3.88 -5.23
CA LEU A 47 6.99 -3.28 -5.74
C LEU A 47 6.15 -4.34 -6.40
N GLN A 48 6.78 -5.12 -7.24
CA GLN A 48 6.07 -6.20 -7.90
C GLN A 48 5.26 -6.96 -6.88
N GLY A 49 5.95 -7.40 -5.84
CA GLY A 49 5.32 -8.14 -4.77
C GLY A 49 4.16 -7.38 -4.19
N LEU A 50 4.19 -6.07 -4.38
CA LEU A 50 3.14 -5.20 -3.91
C LEU A 50 2.03 -5.12 -4.96
N ARG A 51 2.42 -4.82 -6.18
CA ARG A 51 1.48 -4.69 -7.27
C ARG A 51 0.66 -5.95 -7.41
N ASN A 52 1.33 -7.08 -7.56
CA ASN A 52 0.62 -8.35 -7.67
C ASN A 52 -0.25 -8.53 -6.44
N ALA A 53 0.03 -7.71 -5.44
CA ALA A 53 -0.72 -7.72 -4.20
C ALA A 53 -1.79 -6.64 -4.25
N SER A 54 -3.00 -7.03 -4.54
CA SER A 54 -4.05 -6.07 -4.63
C SER A 54 -4.52 -5.73 -3.23
N VAL A 55 -5.50 -4.86 -3.16
CA VAL A 55 -6.04 -4.45 -1.90
C VAL A 55 -6.11 -5.63 -0.94
N GLU A 56 -6.46 -6.78 -1.49
CA GLU A 56 -6.58 -7.99 -0.72
C GLU A 56 -5.36 -8.22 0.15
N GLU A 57 -4.20 -8.20 -0.48
CA GLU A 57 -2.95 -8.43 0.20
C GLU A 57 -2.51 -7.16 0.89
N ILE A 58 -2.56 -6.06 0.15
CA ILE A 58 -2.17 -4.79 0.70
C ILE A 58 -2.94 -4.52 1.98
N ALA A 59 -4.11 -5.11 2.07
CA ALA A 59 -4.95 -4.95 3.25
C ALA A 59 -4.45 -5.82 4.39
N LYS A 60 -3.13 -6.03 4.44
CA LYS A 60 -2.53 -6.86 5.48
C LYS A 60 -1.42 -6.09 6.18
N VAL A 61 -1.47 -4.78 6.03
CA VAL A 61 -0.46 -3.93 6.63
C VAL A 61 -1.08 -3.12 7.77
N PRO A 62 -0.28 -2.29 8.46
CA PRO A 62 -0.75 -1.49 9.60
C PRO A 62 -1.98 -0.67 9.25
N GLY A 63 -3.13 -1.12 9.73
CA GLY A 63 -4.36 -0.42 9.47
C GLY A 63 -4.70 -0.42 7.99
N ILE A 64 -3.69 -0.62 7.16
CA ILE A 64 -3.88 -0.66 5.75
C ILE A 64 -4.90 -1.67 5.35
N SER A 65 -6.03 -1.17 4.95
CA SER A 65 -7.11 -1.97 4.50
C SER A 65 -7.92 -1.05 3.61
N GLN A 66 -9.00 -1.54 3.07
CA GLN A 66 -9.85 -0.74 2.22
C GLN A 66 -9.36 0.71 2.15
N GLY A 67 -9.27 1.35 3.31
CA GLY A 67 -8.82 2.72 3.34
C GLY A 67 -7.43 2.89 2.75
N LEU A 68 -6.44 2.24 3.34
CA LEU A 68 -5.08 2.32 2.87
C LEU A 68 -4.85 1.31 1.76
N ALA A 69 -5.38 0.12 1.97
CA ALA A 69 -5.25 -0.95 0.99
C ALA A 69 -5.54 -0.41 -0.41
N GLU A 70 -6.73 0.12 -0.59
CA GLU A 70 -7.10 0.68 -1.88
C GLU A 70 -6.18 1.82 -2.22
N LYS A 71 -5.97 2.71 -1.25
CA LYS A 71 -5.11 3.84 -1.42
C LYS A 71 -3.79 3.41 -2.03
N ILE A 72 -3.31 2.26 -1.58
CA ILE A 72 -2.08 1.71 -2.08
C ILE A 72 -2.30 1.09 -3.44
N PHE A 73 -3.33 0.26 -3.51
CA PHE A 73 -3.65 -0.43 -4.73
C PHE A 73 -3.69 0.58 -5.88
N TRP A 74 -4.19 1.75 -5.58
CA TRP A 74 -4.25 2.80 -6.58
C TRP A 74 -2.87 3.07 -7.15
N SER A 75 -1.90 3.27 -6.28
CA SER A 75 -0.54 3.54 -6.71
C SER A 75 0.03 2.38 -7.51
N LEU A 76 -0.52 1.19 -7.30
CA LEU A 76 -0.08 0.01 -8.00
C LEU A 76 -0.44 0.02 -9.46
N LYS A 77 -1.65 -0.49 -9.69
CA LYS A 77 -2.20 -0.66 -11.01
C LYS A 77 -3.45 0.18 -11.23
N HIS A 78 -3.53 1.29 -10.53
CA HIS A 78 -4.69 2.16 -10.65
C HIS A 78 -4.33 3.60 -10.29
N THR A 23 -10.56 8.67 1.43
CA THR A 23 -11.02 10.03 1.69
C THR A 23 -10.39 10.59 2.96
N SER A 24 -9.49 9.82 3.53
CA SER A 24 -8.80 10.23 4.74
C SER A 24 -7.31 10.42 4.49
N SER A 25 -6.97 10.78 3.26
CA SER A 25 -5.57 10.99 2.91
C SER A 25 -4.80 9.67 3.01
N LEU A 26 -5.53 8.60 3.26
CA LEU A 26 -4.95 7.27 3.42
C LEU A 26 -3.88 6.93 2.39
N GLU A 27 -3.92 7.59 1.24
CA GLU A 27 -2.95 7.30 0.18
C GLU A 27 -1.77 8.26 0.23
N THR A 28 -1.97 9.40 0.86
CA THR A 28 -0.93 10.40 0.98
C THR A 28 -1.03 11.09 2.30
N ILE A 29 -1.49 10.35 3.29
CA ILE A 29 -1.64 10.89 4.62
C ILE A 29 -0.38 11.61 5.05
N GLU A 30 -0.51 12.43 6.06
CA GLU A 30 0.59 13.21 6.58
C GLU A 30 1.49 12.35 7.46
N GLY A 31 1.62 11.08 7.14
CA GLY A 31 2.45 10.21 7.94
C GLY A 31 2.41 8.80 7.43
N VAL A 32 2.51 8.69 6.12
CA VAL A 32 2.47 7.41 5.47
C VAL A 32 3.67 7.27 4.54
N GLY A 33 3.74 8.18 3.57
CA GLY A 33 4.85 8.18 2.64
C GLY A 33 6.15 7.86 3.34
N PRO A 34 6.43 8.50 4.49
CA PRO A 34 7.63 8.27 5.26
C PRO A 34 8.17 6.85 5.12
N LYS A 35 7.27 5.88 5.13
CA LYS A 35 7.68 4.49 5.02
C LYS A 35 6.47 3.58 4.89
N ARG A 36 5.34 4.06 5.33
CA ARG A 36 4.11 3.28 5.30
C ARG A 36 3.97 2.55 3.98
N ARG A 37 3.96 3.29 2.89
CA ARG A 37 3.84 2.67 1.58
C ARG A 37 4.97 1.68 1.38
N GLN A 38 6.13 2.01 1.92
CA GLN A 38 7.30 1.16 1.81
C GLN A 38 7.10 -0.08 2.66
N MET A 39 6.38 0.06 3.76
CA MET A 39 6.14 -1.05 4.65
C MET A 39 5.66 -2.23 3.84
N LEU A 40 4.74 -1.96 2.93
CA LEU A 40 4.21 -3.00 2.06
C LEU A 40 5.36 -3.84 1.55
N LEU A 41 6.39 -3.17 1.07
CA LEU A 41 7.54 -3.87 0.56
C LEU A 41 8.33 -4.44 1.72
N LYS A 42 8.53 -3.67 2.74
CA LYS A 42 9.22 -4.19 3.89
C LYS A 42 8.46 -5.42 4.34
N TYR A 43 7.23 -5.49 3.86
CA TYR A 43 6.33 -6.59 4.16
C TYR A 43 6.43 -7.65 3.05
N MET A 44 6.64 -7.21 1.81
CA MET A 44 6.75 -8.12 0.68
C MET A 44 8.18 -8.20 0.13
N GLY A 45 8.84 -7.05 0.02
CA GLY A 45 10.20 -7.03 -0.47
C GLY A 45 10.30 -6.79 -1.95
N GLY A 46 9.24 -6.26 -2.55
CA GLY A 46 9.27 -6.01 -3.96
C GLY A 46 8.00 -5.34 -4.45
N LEU A 47 8.12 -4.11 -4.90
CA LEU A 47 6.97 -3.38 -5.38
C LEU A 47 6.11 -4.28 -6.24
N GLN A 48 6.76 -5.05 -7.09
CA GLN A 48 6.03 -5.96 -7.96
C GLN A 48 4.97 -6.68 -7.14
N GLY A 49 5.39 -7.29 -6.06
CA GLY A 49 4.47 -7.99 -5.20
C GLY A 49 3.30 -7.12 -4.84
N LEU A 50 3.59 -5.84 -4.70
CA LEU A 50 2.58 -4.86 -4.37
C LEU A 50 1.77 -4.55 -5.61
N ARG A 51 2.43 -4.69 -6.74
CA ARG A 51 1.80 -4.46 -8.02
C ARG A 51 0.78 -5.53 -8.31
N ASN A 52 1.12 -6.76 -7.97
CA ASN A 52 0.21 -7.88 -8.15
C ASN A 52 -0.75 -7.93 -6.97
N ALA A 53 -0.24 -7.54 -5.82
CA ALA A 53 -1.04 -7.52 -4.61
C ALA A 53 -2.09 -6.43 -4.71
N SER A 54 -3.33 -6.77 -4.46
CA SER A 54 -4.40 -5.81 -4.52
C SER A 54 -4.88 -5.56 -3.12
N VAL A 55 -5.94 -4.82 -2.98
CA VAL A 55 -6.45 -4.52 -1.66
C VAL A 55 -6.42 -5.76 -0.79
N GLU A 56 -6.84 -6.86 -1.38
CA GLU A 56 -6.88 -8.13 -0.68
C GLU A 56 -5.57 -8.41 0.03
N GLU A 57 -4.46 -8.22 -0.66
CA GLU A 57 -3.16 -8.48 -0.09
C GLU A 57 -2.65 -7.25 0.65
N ILE A 58 -2.75 -6.12 -0.01
CA ILE A 58 -2.30 -4.86 0.54
C ILE A 58 -2.98 -4.59 1.87
N ALA A 59 -4.19 -5.10 2.00
CA ALA A 59 -4.94 -4.93 3.24
C ALA A 59 -4.40 -5.82 4.34
N LYS A 60 -3.11 -6.12 4.29
CA LYS A 60 -2.48 -6.97 5.29
C LYS A 60 -1.28 -6.27 5.87
N VAL A 61 -1.48 -5.00 6.16
CA VAL A 61 -0.42 -4.17 6.70
C VAL A 61 -0.97 -3.20 7.76
N PRO A 62 -0.09 -2.40 8.35
CA PRO A 62 -0.43 -1.43 9.40
C PRO A 62 -1.67 -0.63 9.06
N GLY A 63 -2.80 -1.02 9.63
CA GLY A 63 -4.03 -0.32 9.38
C GLY A 63 -4.45 -0.43 7.93
N ILE A 64 -3.50 -0.64 7.05
CA ILE A 64 -3.76 -0.75 5.65
C ILE A 64 -4.80 -1.79 5.36
N SER A 65 -5.95 -1.31 5.01
CA SER A 65 -7.07 -2.12 4.67
C SER A 65 -7.88 -1.28 3.72
N GLN A 66 -8.88 -1.87 3.11
CA GLN A 66 -9.73 -1.13 2.19
C GLN A 66 -9.30 0.32 2.03
N GLY A 67 -9.29 1.07 3.13
CA GLY A 67 -8.93 2.46 3.06
C GLY A 67 -7.52 2.66 2.52
N LEU A 68 -6.52 2.18 3.26
CA LEU A 68 -5.14 2.29 2.82
C LEU A 68 -4.89 1.27 1.74
N ALA A 69 -5.45 0.10 1.96
CA ALA A 69 -5.31 -0.99 1.00
C ALA A 69 -5.63 -0.48 -0.40
N GLU A 70 -6.81 0.11 -0.56
CA GLU A 70 -7.20 0.67 -1.83
C GLU A 70 -6.20 1.75 -2.23
N LYS A 71 -5.97 2.64 -1.28
CA LYS A 71 -5.07 3.75 -1.48
C LYS A 71 -3.78 3.27 -2.09
N ILE A 72 -3.28 2.14 -1.59
CA ILE A 72 -2.05 1.56 -2.12
C ILE A 72 -2.36 0.87 -3.43
N PHE A 73 -3.45 0.13 -3.43
CA PHE A 73 -3.87 -0.60 -4.62
C PHE A 73 -3.74 0.28 -5.85
N TRP A 74 -4.33 1.47 -5.76
CA TRP A 74 -4.27 2.41 -6.86
C TRP A 74 -2.83 2.72 -7.22
N SER A 75 -1.97 2.70 -6.22
CA SER A 75 -0.56 2.99 -6.43
C SER A 75 0.04 2.06 -7.47
N LEU A 76 -0.58 0.90 -7.67
CA LEU A 76 -0.08 -0.06 -8.65
C LEU A 76 -1.17 -0.41 -9.63
N LYS A 77 -2.18 -1.06 -9.10
CA LYS A 77 -3.32 -1.51 -9.88
C LYS A 77 -4.02 -0.37 -10.62
N HIS A 78 -3.43 0.83 -10.60
CA HIS A 78 -4.03 1.96 -11.29
C HIS A 78 -3.11 3.17 -11.18
N THR A 23 -2.67 12.27 14.11
CA THR A 23 -3.52 12.81 13.05
C THR A 23 -2.99 12.38 11.68
N SER A 24 -2.43 11.19 11.64
CA SER A 24 -1.87 10.65 10.41
C SER A 24 -2.90 10.65 9.29
N SER A 25 -2.45 10.33 8.09
CA SER A 25 -3.31 10.29 6.93
C SER A 25 -2.65 9.43 5.85
N LEU A 26 -2.02 8.35 6.30
CA LEU A 26 -1.31 7.45 5.41
C LEU A 26 -2.09 7.17 4.13
N GLU A 27 -3.41 7.31 4.20
CA GLU A 27 -4.26 7.06 3.06
C GLU A 27 -4.58 8.35 2.31
N THR A 28 -4.51 9.46 3.00
CA THR A 28 -4.84 10.75 2.41
C THR A 28 -3.63 11.44 1.82
N ILE A 29 -2.46 11.00 2.26
CA ILE A 29 -1.22 11.57 1.76
C ILE A 29 -1.18 11.50 0.24
N GLU A 30 -0.08 11.97 -0.31
CA GLU A 30 0.13 12.01 -1.74
C GLU A 30 0.95 10.82 -2.19
N GLY A 31 0.27 9.70 -2.44
CA GLY A 31 0.98 8.51 -2.83
C GLY A 31 2.01 8.13 -1.81
N VAL A 32 2.04 8.92 -0.75
CA VAL A 32 2.95 8.70 0.33
C VAL A 32 4.29 8.17 -0.16
N GLY A 33 4.92 7.40 0.69
CA GLY A 33 6.22 6.84 0.39
C GLY A 33 7.09 6.78 1.62
N PRO A 34 7.11 7.86 2.42
CA PRO A 34 7.89 7.95 3.64
C PRO A 34 7.89 6.62 4.39
N LYS A 35 6.75 5.96 4.40
CA LYS A 35 6.62 4.68 5.08
C LYS A 35 5.39 3.92 4.57
N ARG A 36 4.31 4.64 4.36
CA ARG A 36 3.07 4.05 3.89
C ARG A 36 3.35 3.06 2.76
N ARG A 37 3.95 3.56 1.70
CA ARG A 37 4.26 2.74 0.54
C ARG A 37 5.29 1.69 0.94
N GLN A 38 6.14 2.05 1.88
CA GLN A 38 7.16 1.15 2.35
C GLN A 38 6.54 0.03 3.16
N MET A 39 5.35 0.27 3.71
CA MET A 39 4.70 -0.74 4.49
C MET A 39 4.60 -2.02 3.69
N LEU A 40 4.10 -1.90 2.47
CA LEU A 40 3.95 -3.04 1.59
C LEU A 40 5.30 -3.63 1.27
N LEU A 41 6.17 -2.84 0.68
CA LEU A 41 7.49 -3.30 0.32
C LEU A 41 8.22 -3.85 1.53
N LYS A 42 7.98 -3.26 2.68
CA LYS A 42 8.61 -3.71 3.90
C LYS A 42 7.91 -4.96 4.42
N TYR A 43 6.67 -5.12 4.02
CA TYR A 43 5.89 -6.27 4.45
C TYR A 43 6.19 -7.48 3.57
N MET A 44 6.45 -7.23 2.30
CA MET A 44 6.75 -8.31 1.38
C MET A 44 8.21 -8.27 0.91
N GLY A 45 8.73 -7.08 0.72
CA GLY A 45 10.10 -6.92 0.27
C GLY A 45 10.20 -7.03 -1.23
N GLY A 46 9.18 -6.58 -1.94
CA GLY A 46 9.19 -6.65 -3.38
C GLY A 46 8.03 -5.92 -4.00
N LEU A 47 8.31 -4.74 -4.54
CA LEU A 47 7.29 -3.93 -5.16
C LEU A 47 6.36 -4.78 -6.01
N GLN A 48 6.92 -5.44 -7.00
CA GLN A 48 6.13 -6.28 -7.89
C GLN A 48 5.08 -7.02 -7.09
N GLY A 49 5.54 -7.85 -6.18
CA GLY A 49 4.63 -8.65 -5.37
C GLY A 49 3.49 -7.81 -4.86
N LEU A 50 3.80 -6.57 -4.57
CA LEU A 50 2.81 -5.64 -4.08
C LEU A 50 1.99 -5.10 -5.23
N ARG A 51 2.69 -4.78 -6.30
CA ARG A 51 2.11 -4.19 -7.46
C ARG A 51 1.02 -5.07 -8.05
N ASN A 52 1.25 -6.37 -8.05
CA ASN A 52 0.25 -7.30 -8.56
C ASN A 52 -0.73 -7.59 -7.45
N ALA A 53 -0.41 -7.09 -6.28
CA ALA A 53 -1.25 -7.27 -5.13
C ALA A 53 -2.39 -6.27 -5.18
N SER A 54 -3.58 -6.75 -4.89
CA SER A 54 -4.73 -5.90 -4.91
C SER A 54 -5.08 -5.53 -3.47
N VAL A 55 -6.10 -4.74 -3.31
CA VAL A 55 -6.53 -4.32 -2.01
C VAL A 55 -6.52 -5.50 -1.07
N GLU A 56 -6.88 -6.64 -1.61
CA GLU A 56 -6.95 -7.85 -0.86
C GLU A 56 -5.61 -8.15 -0.18
N GLU A 57 -4.56 -8.11 -0.97
CA GLU A 57 -3.23 -8.38 -0.47
C GLU A 57 -2.73 -7.19 0.30
N ILE A 58 -2.81 -6.04 -0.34
CA ILE A 58 -2.37 -4.81 0.25
C ILE A 58 -3.03 -4.61 1.60
N ALA A 59 -4.21 -5.17 1.75
CA ALA A 59 -4.95 -5.04 2.99
C ALA A 59 -4.44 -6.04 4.04
N LYS A 60 -3.15 -6.35 3.99
CA LYS A 60 -2.55 -7.28 4.92
C LYS A 60 -1.31 -6.66 5.54
N VAL A 61 -1.40 -5.38 5.79
CA VAL A 61 -0.28 -4.61 6.33
C VAL A 61 -0.77 -3.78 7.52
N PRO A 62 0.06 -2.85 8.04
CA PRO A 62 -0.31 -1.96 9.16
C PRO A 62 -1.72 -1.38 8.96
N GLY A 63 -1.96 -0.16 9.44
CA GLY A 63 -3.26 0.46 9.23
C GLY A 63 -3.90 0.00 7.95
N ILE A 64 -3.06 -0.36 6.99
CA ILE A 64 -3.52 -0.86 5.71
C ILE A 64 -4.40 -2.07 5.91
N SER A 65 -5.65 -1.83 6.24
CA SER A 65 -6.61 -2.88 6.46
C SER A 65 -7.53 -3.01 5.26
N GLN A 66 -7.79 -1.88 4.63
CA GLN A 66 -8.65 -1.85 3.47
C GLN A 66 -8.54 -0.49 2.80
N GLY A 67 -8.82 0.56 3.55
CA GLY A 67 -8.74 1.89 3.00
C GLY A 67 -7.37 2.16 2.43
N LEU A 68 -6.37 2.13 3.29
CA LEU A 68 -5.00 2.33 2.86
C LEU A 68 -4.72 1.37 1.73
N ALA A 69 -5.19 0.16 1.91
CA ALA A 69 -5.01 -0.85 0.89
C ALA A 69 -5.43 -0.31 -0.47
N GLU A 70 -6.66 0.17 -0.56
CA GLU A 70 -7.14 0.74 -1.81
C GLU A 70 -6.22 1.87 -2.21
N LYS A 71 -5.94 2.72 -1.24
CA LYS A 71 -5.09 3.86 -1.44
C LYS A 71 -3.80 3.42 -2.11
N ILE A 72 -3.25 2.33 -1.62
CA ILE A 72 -2.02 1.77 -2.15
C ILE A 72 -2.28 1.20 -3.52
N PHE A 73 -3.40 0.49 -3.62
CA PHE A 73 -3.78 -0.11 -4.88
C PHE A 73 -3.77 0.95 -5.97
N TRP A 74 -4.26 2.14 -5.61
CA TRP A 74 -4.30 3.24 -6.55
C TRP A 74 -2.89 3.74 -6.86
N SER A 75 -2.09 3.86 -5.82
CA SER A 75 -0.72 4.35 -5.97
C SER A 75 0.13 3.41 -6.84
N LEU A 76 -0.06 2.11 -6.65
CA LEU A 76 0.69 1.12 -7.37
C LEU A 76 0.74 1.34 -8.86
N LYS A 77 -0.21 0.72 -9.52
CA LYS A 77 -0.31 0.70 -10.96
C LYS A 77 -1.75 0.96 -11.39
N HIS A 78 -2.33 1.99 -10.84
CA HIS A 78 -3.70 2.36 -11.16
C HIS A 78 -3.75 3.69 -11.89
N THR A 23 1.71 12.41 -11.22
CA THR A 23 1.03 13.46 -10.49
C THR A 23 0.13 12.87 -9.40
N SER A 24 -0.37 11.67 -9.64
CA SER A 24 -1.22 11.00 -8.68
C SER A 24 -0.53 10.91 -7.33
N SER A 25 0.79 10.92 -7.36
CA SER A 25 1.58 10.84 -6.14
C SER A 25 1.07 9.70 -5.26
N LEU A 26 0.67 8.62 -5.92
CA LEU A 26 0.13 7.46 -5.22
C LEU A 26 1.07 6.98 -4.12
N GLU A 27 2.27 6.61 -4.50
CA GLU A 27 3.23 6.12 -3.51
C GLU A 27 3.33 7.10 -2.35
N THR A 28 2.71 8.26 -2.52
CA THR A 28 2.73 9.27 -1.49
C THR A 28 1.32 9.87 -1.36
N ILE A 29 0.35 8.99 -1.35
CA ILE A 29 -1.04 9.38 -1.23
C ILE A 29 -1.32 10.22 0.01
N GLU A 30 -1.50 11.52 -0.18
CA GLU A 30 -1.81 12.45 0.89
C GLU A 30 -1.39 11.92 2.26
N GLY A 31 -0.16 11.44 2.37
CA GLY A 31 0.32 10.96 3.63
C GLY A 31 1.31 9.85 3.43
N VAL A 32 0.88 8.86 2.69
CA VAL A 32 1.75 7.74 2.43
C VAL A 32 3.02 8.23 1.76
N GLY A 33 4.04 7.42 1.87
CA GLY A 33 5.33 7.74 1.29
C GLY A 33 6.40 7.74 2.35
N PRO A 34 6.24 8.59 3.37
CA PRO A 34 7.18 8.68 4.48
C PRO A 34 7.72 7.31 4.88
N LYS A 35 6.92 6.28 4.65
CA LYS A 35 7.32 4.92 4.98
C LYS A 35 6.17 3.95 4.76
N ARG A 36 4.97 4.49 4.77
CA ARG A 36 3.79 3.72 4.59
C ARG A 36 3.94 2.72 3.46
N ARG A 37 4.24 3.22 2.28
CA ARG A 37 4.42 2.35 1.14
C ARG A 37 5.49 1.32 1.44
N GLN A 38 6.63 1.79 1.91
CA GLN A 38 7.74 0.93 2.23
C GLN A 38 7.23 -0.28 3.00
N MET A 39 6.37 -0.03 3.98
CA MET A 39 5.82 -1.11 4.77
C MET A 39 5.43 -2.25 3.86
N LEU A 40 4.63 -1.94 2.86
CA LEU A 40 4.20 -2.93 1.91
C LEU A 40 5.42 -3.66 1.39
N LEU A 41 6.37 -2.88 0.93
CA LEU A 41 7.61 -3.40 0.38
C LEU A 41 8.35 -4.22 1.43
N LYS A 42 8.12 -3.88 2.67
CA LYS A 42 8.73 -4.59 3.77
C LYS A 42 7.87 -5.80 4.08
N TYR A 43 6.63 -5.73 3.61
CA TYR A 43 5.67 -6.79 3.82
C TYR A 43 5.71 -7.78 2.67
N MET A 44 6.05 -7.30 1.49
CA MET A 44 6.10 -8.12 0.29
C MET A 44 7.53 -8.23 -0.24
N GLY A 45 8.33 -7.21 0.00
CA GLY A 45 9.71 -7.23 -0.44
C GLY A 45 9.88 -6.82 -1.88
N GLY A 46 8.94 -6.04 -2.38
CA GLY A 46 9.04 -5.59 -3.75
C GLY A 46 7.79 -4.93 -4.23
N LEU A 47 7.93 -3.72 -4.72
CA LEU A 47 6.79 -2.97 -5.22
C LEU A 47 6.05 -3.82 -6.22
N GLN A 48 6.80 -4.60 -6.98
CA GLN A 48 6.19 -5.48 -7.94
C GLN A 48 5.23 -6.40 -7.23
N GLY A 49 5.66 -6.87 -6.07
CA GLY A 49 4.83 -7.75 -5.29
C GLY A 49 3.69 -6.97 -4.73
N LEU A 50 3.91 -5.67 -4.63
CA LEU A 50 2.92 -4.76 -4.13
C LEU A 50 1.94 -4.47 -5.24
N ARG A 51 2.46 -4.53 -6.45
CA ARG A 51 1.66 -4.33 -7.63
C ARG A 51 0.82 -5.56 -7.83
N ASN A 52 1.46 -6.69 -7.65
CA ASN A 52 0.78 -7.96 -7.78
C ASN A 52 -0.29 -8.01 -6.72
N ALA A 53 0.09 -7.58 -5.54
CA ALA A 53 -0.82 -7.55 -4.42
C ALA A 53 -1.88 -6.49 -4.64
N SER A 54 -3.13 -6.85 -4.44
CA SER A 54 -4.21 -5.91 -4.58
C SER A 54 -4.74 -5.63 -3.20
N VAL A 55 -5.83 -4.90 -3.10
CA VAL A 55 -6.39 -4.58 -1.81
C VAL A 55 -6.41 -5.84 -0.97
N GLU A 56 -6.78 -6.92 -1.61
CA GLU A 56 -6.87 -8.21 -0.98
C GLU A 56 -5.64 -8.50 -0.12
N GLU A 57 -4.45 -8.40 -0.72
CA GLU A 57 -3.23 -8.67 -0.01
C GLU A 57 -2.75 -7.43 0.72
N ILE A 58 -2.75 -6.31 0.02
CA ILE A 58 -2.32 -5.07 0.59
C ILE A 58 -3.05 -4.83 1.89
N ALA A 59 -4.24 -5.37 1.98
CA ALA A 59 -5.05 -5.24 3.17
C ALA A 59 -4.53 -6.13 4.31
N LYS A 60 -3.23 -6.34 4.34
CA LYS A 60 -2.62 -7.19 5.36
C LYS A 60 -1.48 -6.46 6.03
N VAL A 61 -1.59 -5.15 6.06
CA VAL A 61 -0.58 -4.31 6.66
C VAL A 61 -1.18 -3.59 7.87
N PRO A 62 -0.49 -2.63 8.47
CA PRO A 62 -0.99 -1.93 9.66
C PRO A 62 -2.30 -1.21 9.44
N GLY A 63 -2.22 0.03 9.06
CA GLY A 63 -3.41 0.82 8.82
C GLY A 63 -3.96 0.54 7.45
N ILE A 64 -3.25 -0.29 6.72
CA ILE A 64 -3.63 -0.66 5.38
C ILE A 64 -4.57 -1.86 5.39
N SER A 65 -5.85 -1.57 5.45
CA SER A 65 -6.87 -2.59 5.44
C SER A 65 -7.72 -2.47 4.19
N GLN A 66 -8.50 -1.40 4.14
CA GLN A 66 -9.34 -1.14 2.99
C GLN A 66 -9.03 0.25 2.48
N GLY A 67 -9.02 1.21 3.38
CA GLY A 67 -8.74 2.58 2.99
C GLY A 67 -7.37 2.70 2.38
N LEU A 68 -6.35 2.40 3.18
CA LEU A 68 -4.98 2.46 2.71
C LEU A 68 -4.76 1.39 1.67
N ALA A 69 -5.32 0.21 1.91
CA ALA A 69 -5.19 -0.89 0.97
C ALA A 69 -5.61 -0.42 -0.40
N GLU A 70 -6.75 0.24 -0.45
CA GLU A 70 -7.26 0.79 -1.69
C GLU A 70 -6.25 1.78 -2.24
N LYS A 71 -5.94 2.74 -1.39
CA LYS A 71 -4.99 3.79 -1.71
C LYS A 71 -3.74 3.22 -2.33
N ILE A 72 -3.27 2.15 -1.72
CA ILE A 72 -2.07 1.48 -2.18
C ILE A 72 -2.36 0.71 -3.46
N PHE A 73 -3.46 -0.02 -3.45
CA PHE A 73 -3.83 -0.81 -4.62
C PHE A 73 -3.74 0.05 -5.87
N TRP A 74 -4.44 1.17 -5.83
CA TRP A 74 -4.42 2.10 -6.93
C TRP A 74 -3.02 2.64 -7.11
N SER A 75 -2.26 2.57 -6.04
CA SER A 75 -0.90 3.04 -6.04
C SER A 75 -0.03 2.16 -6.93
N LEU A 76 -0.53 0.99 -7.29
CA LEU A 76 0.20 0.08 -8.16
C LEU A 76 -0.63 -0.24 -9.39
N LYS A 77 -1.70 -0.96 -9.13
CA LYS A 77 -2.62 -1.41 -10.17
C LYS A 77 -3.33 -0.28 -10.88
N HIS A 78 -2.83 0.94 -10.76
CA HIS A 78 -3.47 2.07 -11.41
C HIS A 78 -2.62 3.33 -11.29
N THR A 23 -7.22 8.93 -8.72
CA THR A 23 -7.92 9.99 -8.03
C THR A 23 -6.98 10.75 -7.10
N SER A 24 -5.79 10.20 -6.93
CA SER A 24 -4.78 10.81 -6.09
C SER A 24 -3.47 10.05 -6.24
N SER A 25 -2.37 10.68 -5.90
CA SER A 25 -1.08 10.03 -5.98
C SER A 25 -0.95 9.00 -4.88
N LEU A 26 -1.81 8.00 -4.92
CA LEU A 26 -1.83 6.96 -3.91
C LEU A 26 -0.45 6.36 -3.70
N GLU A 27 0.38 6.41 -4.73
CA GLU A 27 1.72 5.83 -4.65
C GLU A 27 2.66 6.73 -3.87
N THR A 28 2.29 8.00 -3.72
CA THR A 28 3.13 8.95 -3.03
C THR A 28 2.29 9.96 -2.27
N ILE A 29 1.03 9.63 -2.06
CA ILE A 29 0.14 10.50 -1.35
C ILE A 29 0.79 10.95 -0.05
N GLU A 30 0.56 12.19 0.32
CA GLU A 30 1.15 12.74 1.52
C GLU A 30 2.61 12.30 1.62
N GLY A 31 3.22 12.12 0.47
CA GLY A 31 4.61 11.73 0.42
C GLY A 31 4.92 10.46 1.15
N VAL A 32 4.01 9.51 1.11
CA VAL A 32 4.24 8.26 1.74
C VAL A 32 5.58 7.71 1.29
N GLY A 33 5.97 6.63 1.90
CA GLY A 33 7.23 6.01 1.57
C GLY A 33 7.95 5.53 2.80
N PRO A 34 8.12 6.40 3.80
CA PRO A 34 8.83 6.07 5.05
C PRO A 34 8.27 4.82 5.71
N LYS A 35 6.95 4.67 5.65
CA LYS A 35 6.31 3.52 6.27
C LYS A 35 5.20 2.96 5.39
N ARG A 36 4.38 3.84 4.84
CA ARG A 36 3.26 3.40 4.02
C ARG A 36 3.75 2.48 2.91
N ARG A 37 4.60 3.00 2.05
CA ARG A 37 5.12 2.22 0.93
C ARG A 37 6.14 1.25 1.47
N GLN A 38 6.79 1.68 2.53
CA GLN A 38 7.80 0.89 3.19
C GLN A 38 7.24 -0.43 3.65
N MET A 39 6.06 -0.38 4.23
CA MET A 39 5.44 -1.58 4.74
C MET A 39 5.29 -2.61 3.66
N LEU A 40 4.57 -2.26 2.61
CA LEU A 40 4.37 -3.18 1.51
C LEU A 40 5.69 -3.80 1.10
N LEU A 41 6.65 -2.96 0.74
CA LEU A 41 7.96 -3.44 0.32
C LEU A 41 8.60 -4.29 1.40
N LYS A 42 8.56 -3.84 2.64
CA LYS A 42 9.14 -4.60 3.74
C LYS A 42 8.28 -5.80 4.07
N TYR A 43 7.05 -5.76 3.61
CA TYR A 43 6.09 -6.83 3.84
C TYR A 43 6.24 -7.91 2.79
N MET A 44 6.50 -7.49 1.56
CA MET A 44 6.63 -8.41 0.45
C MET A 44 8.09 -8.56 0.03
N GLY A 45 8.80 -7.45 0.04
CA GLY A 45 10.19 -7.46 -0.35
C GLY A 45 10.37 -7.15 -1.82
N GLY A 46 9.44 -6.38 -2.37
CA GLY A 46 9.52 -6.02 -3.77
C GLY A 46 8.26 -5.34 -4.23
N LEU A 47 8.38 -4.09 -4.65
CA LEU A 47 7.23 -3.33 -5.10
C LEU A 47 6.32 -4.17 -5.97
N GLN A 48 6.90 -4.86 -6.94
CA GLN A 48 6.11 -5.69 -7.81
C GLN A 48 5.07 -6.43 -7.02
N GLY A 49 5.51 -7.02 -5.91
CA GLY A 49 4.61 -7.78 -5.07
C GLY A 49 3.46 -6.91 -4.67
N LEU A 50 3.77 -5.66 -4.43
CA LEU A 50 2.77 -4.69 -4.04
C LEU A 50 1.92 -4.41 -5.26
N ARG A 51 2.59 -4.25 -6.38
CA ARG A 51 1.91 -4.01 -7.62
C ARG A 51 1.01 -5.20 -7.91
N ASN A 52 1.39 -6.32 -7.33
CA ASN A 52 0.64 -7.56 -7.47
C ASN A 52 -0.29 -7.69 -6.29
N ALA A 53 -0.12 -6.81 -5.34
CA ALA A 53 -0.92 -6.80 -4.14
C ALA A 53 -2.13 -5.89 -4.33
N SER A 54 -3.30 -6.44 -4.10
CA SER A 54 -4.52 -5.68 -4.23
C SER A 54 -5.06 -5.50 -2.83
N VAL A 55 -6.18 -4.86 -2.67
CA VAL A 55 -6.69 -4.66 -1.33
C VAL A 55 -6.51 -5.93 -0.56
N GLU A 56 -6.86 -7.02 -1.19
CA GLU A 56 -6.75 -8.33 -0.60
C GLU A 56 -5.40 -8.48 0.08
N GLU A 57 -4.36 -8.14 -0.65
CA GLU A 57 -3.00 -8.24 -0.19
C GLU A 57 -2.63 -7.01 0.60
N ILE A 58 -2.72 -5.89 -0.09
CA ILE A 58 -2.39 -4.61 0.46
C ILE A 58 -3.07 -4.42 1.82
N ALA A 59 -4.17 -5.10 2.00
CA ALA A 59 -4.89 -5.00 3.26
C ALA A 59 -4.28 -5.94 4.29
N LYS A 60 -3.03 -6.32 4.07
CA LYS A 60 -2.35 -7.21 5.00
C LYS A 60 -1.25 -6.44 5.69
N VAL A 61 -1.33 -5.12 5.62
CA VAL A 61 -0.32 -4.28 6.22
C VAL A 61 -0.95 -3.46 7.34
N PRO A 62 -0.16 -2.58 7.97
CA PRO A 62 -0.60 -1.70 9.05
C PRO A 62 -2.01 -1.15 8.85
N GLY A 63 -2.29 0.03 9.37
CA GLY A 63 -3.60 0.61 9.18
C GLY A 63 -4.16 0.27 7.81
N ILE A 64 -3.28 -0.06 6.89
CA ILE A 64 -3.65 -0.41 5.55
C ILE A 64 -4.67 -1.52 5.49
N SER A 65 -5.83 -1.15 5.06
CA SER A 65 -6.91 -2.05 4.87
C SER A 65 -7.83 -1.31 3.94
N GLN A 66 -8.84 -1.98 3.46
CA GLN A 66 -9.80 -1.37 2.55
C GLN A 66 -9.47 0.09 2.22
N GLY A 67 -9.40 0.95 3.24
CA GLY A 67 -9.12 2.34 3.00
C GLY A 67 -7.76 2.56 2.39
N LEU A 68 -6.72 2.19 3.12
CA LEU A 68 -5.37 2.35 2.61
C LEU A 68 -5.15 1.28 1.58
N ALA A 69 -5.62 0.09 1.89
CA ALA A 69 -5.49 -1.02 0.97
C ALA A 69 -5.88 -0.56 -0.43
N GLU A 70 -7.07 0.00 -0.54
CA GLU A 70 -7.55 0.52 -1.81
C GLU A 70 -6.56 1.55 -2.31
N LYS A 71 -6.27 2.50 -1.43
CA LYS A 71 -5.34 3.56 -1.74
C LYS A 71 -4.11 3.00 -2.42
N ILE A 72 -3.48 2.04 -1.77
CA ILE A 72 -2.29 1.41 -2.31
C ILE A 72 -2.63 0.73 -3.61
N PHE A 73 -3.76 0.06 -3.63
CA PHE A 73 -4.20 -0.61 -4.83
C PHE A 73 -4.17 0.38 -5.98
N TRP A 74 -4.79 1.52 -5.76
CA TRP A 74 -4.83 2.57 -6.76
C TRP A 74 -3.43 3.09 -7.03
N SER A 75 -2.51 2.77 -6.15
CA SER A 75 -1.13 3.22 -6.30
C SER A 75 -0.46 2.49 -7.46
N LEU A 76 -0.62 1.17 -7.50
CA LEU A 76 -0.02 0.37 -8.56
C LEU A 76 -1.07 -0.49 -9.26
N LYS A 77 -1.95 -1.10 -8.48
CA LYS A 77 -2.96 -1.98 -9.02
C LYS A 77 -3.79 -1.26 -10.09
N HIS A 78 -4.10 0.00 -9.85
CA HIS A 78 -4.88 0.78 -10.79
C HIS A 78 -4.42 2.23 -10.80
N THR A 23 3.31 13.14 13.48
CA THR A 23 2.41 14.26 13.73
C THR A 23 1.09 14.06 12.98
N SER A 24 1.16 14.07 11.66
CA SER A 24 -0.03 13.91 10.83
C SER A 24 -0.29 12.43 10.55
N SER A 25 -1.31 12.16 9.74
CA SER A 25 -1.69 10.80 9.41
C SER A 25 -0.87 10.26 8.24
N LEU A 26 0.41 10.59 8.24
CA LEU A 26 1.32 10.17 7.17
C LEU A 26 1.23 8.67 6.91
N GLU A 27 0.79 7.92 7.90
CA GLU A 27 0.69 6.47 7.78
C GLU A 27 -0.75 6.02 7.52
N THR A 28 -1.68 6.93 7.68
CA THR A 28 -3.09 6.61 7.51
C THR A 28 -3.62 7.22 6.22
N ILE A 29 -2.90 8.19 5.73
CA ILE A 29 -3.24 8.89 4.53
C ILE A 29 -3.20 7.99 3.30
N GLU A 30 -4.10 8.23 2.37
CA GLU A 30 -4.13 7.45 1.16
C GLU A 30 -2.87 7.75 0.40
N GLY A 31 -2.24 8.82 0.85
CA GLY A 31 -1.01 9.28 0.27
C GLY A 31 0.16 9.01 1.16
N VAL A 32 0.06 7.92 1.89
CA VAL A 32 1.14 7.49 2.76
C VAL A 32 2.41 7.44 1.94
N GLY A 33 3.41 6.81 2.50
CA GLY A 33 4.68 6.72 1.82
C GLY A 33 5.83 6.81 2.79
N PRO A 34 5.83 7.79 3.68
CA PRO A 34 6.87 7.97 4.67
C PRO A 34 7.53 6.64 4.99
N LYS A 35 6.75 5.73 5.55
CA LYS A 35 7.23 4.39 5.84
C LYS A 35 6.14 3.38 5.52
N ARG A 36 4.91 3.83 5.58
CA ARG A 36 3.76 2.99 5.34
C ARG A 36 3.93 2.20 4.05
N ARG A 37 4.08 2.92 2.95
CA ARG A 37 4.25 2.30 1.65
C ARG A 37 5.51 1.48 1.64
N GLN A 38 6.46 1.91 2.44
CA GLN A 38 7.72 1.22 2.56
C GLN A 38 7.49 -0.12 3.21
N MET A 39 6.69 -0.11 4.26
CA MET A 39 6.38 -1.32 4.97
C MET A 39 5.88 -2.34 3.98
N LEU A 40 5.12 -1.88 3.00
CA LEU A 40 4.62 -2.78 1.97
C LEU A 40 5.79 -3.51 1.34
N LEU A 41 6.75 -2.74 0.85
CA LEU A 41 7.92 -3.32 0.24
C LEU A 41 8.59 -4.26 1.23
N LYS A 42 8.50 -3.88 2.50
CA LYS A 42 9.05 -4.69 3.58
C LYS A 42 8.09 -5.82 3.90
N TYR A 43 6.85 -5.64 3.51
CA TYR A 43 5.78 -6.59 3.74
C TYR A 43 5.66 -7.58 2.59
N MET A 44 6.20 -7.19 1.45
CA MET A 44 6.15 -8.02 0.26
C MET A 44 7.54 -8.44 -0.18
N GLY A 45 8.46 -7.50 -0.05
CA GLY A 45 9.82 -7.75 -0.44
C GLY A 45 10.05 -7.39 -1.88
N GLY A 46 9.50 -6.27 -2.29
CA GLY A 46 9.63 -5.82 -3.65
C GLY A 46 8.31 -5.34 -4.18
N LEU A 47 8.25 -4.09 -4.55
CA LEU A 47 7.01 -3.51 -5.05
C LEU A 47 6.31 -4.50 -5.97
N GLN A 48 7.10 -5.31 -6.64
CA GLN A 48 6.55 -6.31 -7.53
C GLN A 48 5.37 -6.96 -6.87
N GLY A 49 5.59 -7.40 -5.64
CA GLY A 49 4.56 -8.08 -4.89
C GLY A 49 3.34 -7.21 -4.73
N LEU A 50 3.57 -5.92 -4.69
CA LEU A 50 2.53 -4.96 -4.53
C LEU A 50 1.83 -4.72 -5.87
N ARG A 51 2.61 -4.74 -6.92
CA ARG A 51 2.09 -4.54 -8.26
C ARG A 51 0.97 -5.52 -8.52
N ASN A 52 1.19 -6.74 -8.10
CA ASN A 52 0.19 -7.80 -8.27
C ASN A 52 -0.77 -7.78 -7.11
N ALA A 53 -0.24 -7.48 -5.93
CA ALA A 53 -1.07 -7.42 -4.74
C ALA A 53 -2.13 -6.35 -4.92
N SER A 54 -3.32 -6.62 -4.45
CA SER A 54 -4.38 -5.65 -4.55
C SER A 54 -4.78 -5.23 -3.16
N VAL A 55 -6.00 -4.82 -2.99
CA VAL A 55 -6.45 -4.39 -1.69
C VAL A 55 -6.40 -5.52 -0.70
N GLU A 56 -6.47 -6.74 -1.19
CA GLU A 56 -6.48 -7.90 -0.32
C GLU A 56 -5.12 -8.08 0.32
N GLU A 57 -4.10 -8.03 -0.50
CA GLU A 57 -2.75 -8.20 -0.04
C GLU A 57 -2.35 -6.95 0.70
N ILE A 58 -2.54 -5.85 0.02
CA ILE A 58 -2.22 -4.58 0.57
C ILE A 58 -2.98 -4.41 1.87
N ALA A 59 -4.12 -5.07 1.96
CA ALA A 59 -4.92 -4.98 3.18
C ALA A 59 -4.35 -5.86 4.29
N LYS A 60 -3.03 -6.03 4.29
CA LYS A 60 -2.39 -6.86 5.30
C LYS A 60 -1.24 -6.08 5.91
N VAL A 61 -1.44 -4.78 6.00
CA VAL A 61 -0.41 -3.91 6.54
C VAL A 61 -1.01 -2.95 7.56
N PRO A 62 -0.18 -2.10 8.19
CA PRO A 62 -0.61 -1.16 9.23
C PRO A 62 -1.70 -0.23 8.74
N GLY A 63 -2.86 -0.28 9.39
CA GLY A 63 -3.97 0.55 8.99
C GLY A 63 -4.52 0.13 7.65
N ILE A 64 -3.64 -0.39 6.82
CA ILE A 64 -4.02 -0.87 5.52
C ILE A 64 -4.86 -2.12 5.67
N SER A 65 -6.14 -1.89 5.93
CA SER A 65 -7.09 -2.97 6.11
C SER A 65 -7.96 -3.07 4.87
N GLN A 66 -8.29 -1.93 4.32
CA GLN A 66 -9.10 -1.87 3.13
C GLN A 66 -8.97 -0.50 2.47
N GLY A 67 -9.24 0.55 3.23
CA GLY A 67 -9.15 1.88 2.68
C GLY A 67 -7.76 2.17 2.15
N LEU A 68 -6.78 2.17 3.04
CA LEU A 68 -5.40 2.41 2.65
C LEU A 68 -5.09 1.45 1.54
N ALA A 69 -5.53 0.23 1.73
CA ALA A 69 -5.33 -0.80 0.74
C ALA A 69 -5.75 -0.29 -0.63
N GLU A 70 -6.94 0.26 -0.71
CA GLU A 70 -7.42 0.82 -1.96
C GLU A 70 -6.50 1.94 -2.37
N LYS A 71 -6.21 2.79 -1.41
CA LYS A 71 -5.34 3.93 -1.61
C LYS A 71 -4.07 3.50 -2.30
N ILE A 72 -3.55 2.37 -1.86
CA ILE A 72 -2.33 1.81 -2.44
C ILE A 72 -2.63 1.12 -3.75
N PHE A 73 -3.75 0.43 -3.76
CA PHE A 73 -4.17 -0.31 -4.94
C PHE A 73 -4.06 0.57 -6.17
N TRP A 74 -4.84 1.63 -6.18
CA TRP A 74 -4.89 2.55 -7.31
C TRP A 74 -3.56 3.25 -7.55
N SER A 75 -2.64 3.14 -6.60
CA SER A 75 -1.36 3.84 -6.73
C SER A 75 -0.42 3.22 -7.76
N LEU A 76 0.14 2.08 -7.42
CA LEU A 76 1.12 1.42 -8.27
C LEU A 76 0.70 1.26 -9.70
N LYS A 77 -0.04 0.20 -9.96
CA LYS A 77 -0.44 -0.15 -11.32
C LYS A 77 -1.84 -0.76 -11.38
N HIS A 78 -2.73 -0.28 -10.55
CA HIS A 78 -4.09 -0.79 -10.55
C HIS A 78 -4.94 0.02 -9.59
N THR A 23 4.59 8.52 18.16
CA THR A 23 3.21 8.31 17.78
C THR A 23 3.10 7.99 16.29
N SER A 24 3.54 6.80 15.90
CA SER A 24 3.47 6.41 14.52
C SER A 24 2.06 6.62 13.98
N SER A 25 1.95 6.83 12.68
CA SER A 25 0.66 7.06 12.05
C SER A 25 0.18 5.80 11.33
N LEU A 26 0.64 4.65 11.77
CA LEU A 26 0.25 3.40 11.13
C LEU A 26 -1.26 3.30 11.00
N GLU A 27 -1.98 3.88 11.94
CA GLU A 27 -3.44 3.84 11.92
C GLU A 27 -3.99 5.02 11.15
N THR A 28 -3.13 5.99 10.89
CA THR A 28 -3.52 7.21 10.19
C THR A 28 -2.53 7.52 9.07
N ILE A 29 -1.85 6.50 8.60
CA ILE A 29 -0.86 6.65 7.54
C ILE A 29 -1.43 7.42 6.38
N GLU A 30 -1.42 8.73 6.49
CA GLU A 30 -1.89 9.63 5.46
C GLU A 30 -2.74 8.91 4.41
N GLY A 31 -3.96 8.52 4.79
CA GLY A 31 -4.83 7.88 3.83
C GLY A 31 -5.25 6.47 4.20
N VAL A 32 -4.69 5.90 5.25
CA VAL A 32 -5.09 4.57 5.63
C VAL A 32 -6.35 4.61 6.46
N GLY A 33 -7.35 3.95 5.92
CA GLY A 33 -8.66 3.91 6.52
C GLY A 33 -9.67 4.34 5.49
N PRO A 34 -9.38 5.48 4.86
CA PRO A 34 -10.19 6.02 3.79
C PRO A 34 -10.54 4.95 2.77
N LYS A 35 -9.54 4.14 2.44
CA LYS A 35 -9.70 3.09 1.45
C LYS A 35 -8.33 2.63 0.97
N ARG A 36 -7.34 3.47 1.19
CA ARG A 36 -5.99 3.21 0.76
C ARG A 36 -5.56 1.78 1.08
N ARG A 37 -5.92 1.30 2.24
CA ARG A 37 -5.57 -0.05 2.63
C ARG A 37 -6.33 -1.05 1.77
N GLN A 38 -7.61 -0.77 1.57
CA GLN A 38 -8.46 -1.63 0.77
C GLN A 38 -7.90 -1.71 -0.65
N MET A 39 -7.39 -0.59 -1.13
CA MET A 39 -6.82 -0.51 -2.47
C MET A 39 -5.98 -1.74 -2.73
N LEU A 40 -4.95 -1.92 -1.93
CA LEU A 40 -4.08 -3.06 -2.08
C LEU A 40 -4.92 -4.33 -2.14
N LEU A 41 -5.79 -4.45 -1.16
CA LEU A 41 -6.66 -5.60 -1.05
C LEU A 41 -7.50 -5.77 -2.31
N LYS A 42 -7.81 -4.67 -2.95
CA LYS A 42 -8.60 -4.70 -4.16
C LYS A 42 -7.70 -4.99 -5.34
N TYR A 43 -6.46 -4.57 -5.20
CA TYR A 43 -5.46 -4.76 -6.23
C TYR A 43 -4.93 -6.19 -6.20
N MET A 44 -4.95 -6.79 -5.02
CA MET A 44 -4.45 -8.15 -4.87
C MET A 44 -5.55 -9.12 -4.43
N GLY A 45 -6.40 -8.65 -3.53
CA GLY A 45 -7.47 -9.49 -3.04
C GLY A 45 -7.03 -10.31 -1.84
N GLY A 46 -6.38 -9.65 -0.89
CA GLY A 46 -5.93 -10.34 0.30
C GLY A 46 -4.76 -9.65 0.96
N LEU A 47 -4.99 -9.08 2.13
CA LEU A 47 -3.94 -8.38 2.85
C LEU A 47 -2.69 -9.23 2.85
N GLN A 48 -2.88 -10.50 3.10
CA GLN A 48 -1.78 -11.43 3.10
C GLN A 48 -0.91 -11.18 1.88
N GLY A 49 -1.55 -11.13 0.74
CA GLY A 49 -0.84 -10.89 -0.50
C GLY A 49 -0.11 -9.57 -0.46
N LEU A 50 -0.60 -8.67 0.37
CA LEU A 50 0.00 -7.35 0.49
C LEU A 50 1.20 -7.38 1.43
N ARG A 51 1.00 -7.93 2.61
CA ARG A 51 2.06 -7.99 3.60
C ARG A 51 3.38 -8.42 2.98
N ASN A 52 3.37 -9.56 2.35
CA ASN A 52 4.58 -10.06 1.70
C ASN A 52 5.03 -9.02 0.69
N ALA A 53 4.06 -8.37 0.06
CA ALA A 53 4.34 -7.34 -0.91
C ALA A 53 5.01 -6.16 -0.23
N SER A 54 6.18 -5.79 -0.70
CA SER A 54 6.89 -4.68 -0.13
C SER A 54 6.69 -3.50 -1.06
N VAL A 55 7.36 -2.40 -0.82
CA VAL A 55 7.22 -1.25 -1.68
C VAL A 55 7.26 -1.72 -3.12
N GLU A 56 8.09 -2.71 -3.35
CA GLU A 56 8.27 -3.31 -4.65
C GLU A 56 6.92 -3.60 -5.30
N GLU A 57 6.06 -4.26 -4.56
CA GLU A 57 4.75 -4.61 -5.06
C GLU A 57 3.78 -3.48 -4.79
N ILE A 58 3.76 -3.05 -3.55
CA ILE A 58 2.88 -2.00 -3.12
C ILE A 58 3.00 -0.79 -4.03
N ALA A 59 4.15 -0.61 -4.63
CA ALA A 59 4.37 0.52 -5.51
C ALA A 59 3.73 0.28 -6.87
N LYS A 60 2.67 -0.53 -6.90
CA LYS A 60 1.98 -0.84 -8.15
C LYS A 60 0.49 -0.59 -8.01
N VAL A 61 0.15 0.25 -7.04
CA VAL A 61 -1.24 0.56 -6.78
C VAL A 61 -1.50 2.05 -7.05
N PRO A 62 -2.75 2.50 -6.90
CA PRO A 62 -3.16 3.88 -7.15
C PRO A 62 -2.13 4.90 -6.70
N GLY A 63 -1.23 5.27 -7.58
CA GLY A 63 -0.23 6.25 -7.23
C GLY A 63 0.74 5.70 -6.21
N ILE A 64 0.30 4.71 -5.46
CA ILE A 64 1.10 4.11 -4.44
C ILE A 64 2.41 3.63 -5.01
N SER A 65 3.43 4.34 -4.60
CA SER A 65 4.77 4.05 -4.98
C SER A 65 5.63 4.46 -3.82
N GLN A 66 6.89 4.18 -3.89
CA GLN A 66 7.82 4.56 -2.85
C GLN A 66 7.13 5.32 -1.72
N GLY A 67 6.49 6.44 -2.05
CA GLY A 67 5.84 7.24 -1.05
C GLY A 67 4.71 6.49 -0.36
N LEU A 68 3.69 6.14 -1.12
CA LEU A 68 2.56 5.41 -0.56
C LEU A 68 3.00 3.99 -0.30
N ALA A 69 3.78 3.47 -1.23
CA ALA A 69 4.30 2.13 -1.13
C ALA A 69 4.77 1.88 0.29
N GLU A 70 5.68 2.71 0.78
CA GLU A 70 6.17 2.57 2.14
C GLU A 70 5.02 2.76 3.10
N LYS A 71 4.27 3.82 2.87
CA LYS A 71 3.14 4.14 3.70
C LYS A 71 2.30 2.90 3.93
N ILE A 72 2.24 2.06 2.90
CA ILE A 72 1.50 0.81 2.99
C ILE A 72 2.39 -0.26 3.60
N PHE A 73 3.65 -0.21 3.22
CA PHE A 73 4.63 -1.15 3.72
C PHE A 73 4.53 -1.24 5.22
N TRP A 74 4.66 -0.09 5.86
CA TRP A 74 4.60 -0.01 7.32
C TRP A 74 3.25 -0.51 7.82
N SER A 75 2.29 -0.64 6.91
CA SER A 75 0.95 -1.08 7.27
C SER A 75 0.88 -2.58 7.57
N LEU A 76 1.69 -3.39 6.87
CA LEU A 76 1.66 -4.82 7.10
C LEU A 76 3.02 -5.40 7.49
N LYS A 77 4.07 -4.88 6.89
CA LYS A 77 5.40 -5.41 7.17
C LYS A 77 5.74 -5.37 8.65
N HIS A 78 6.19 -4.22 9.11
CA HIS A 78 6.57 -4.08 10.50
C HIS A 78 6.01 -2.79 11.08
#